data_9M26
#
_entry.id   9M26
#
_cell.length_a   65.257
_cell.length_b   88.690
_cell.length_c   82.250
_cell.angle_alpha   90.000
_cell.angle_beta   103.685
_cell.angle_gamma   90.000
#
_symmetry.space_group_name_H-M   'P 1 21 1'
#
loop_
_entity.id
_entity.type
_entity.pdbx_description
1 polymer 'Cytoplasmic chaperone TorD family protein'
2 non-polymer 'CALCIUM ION'
3 water water
#
_entity_poly.entity_id   1
_entity_poly.type   'polypeptide(L)'
_entity_poly.pdbx_seq_one_letter_code
;SAKDPMNEFSILCRVLGTLYYRQPQDPLLVPLFTLIREGKLAQNWPLEQDDLLERLQKSCDMQQISTDYNALFVGEECRV
SPYRSAWQEGATEAEVRAFLSERGMPLTDTPADHIGTLLLAASWIEDHAGDDENEAIETLFEMYLLPWVGTFLGKVEAHA
TSPFWRTLAPLTRDAIAAMWDELEEENEE
;
_entity_poly.pdbx_strand_id   A,B,C,D
#
# COMPACT_ATOMS: atom_id res chain seq x y z
N SER A 1 5.14 -23.87 -11.01
CA SER A 1 5.57 -23.04 -9.90
C SER A 1 4.62 -23.20 -8.73
N ALA A 2 5.16 -23.38 -7.53
CA ALA A 2 4.35 -23.62 -6.35
C ALA A 2 3.64 -22.34 -5.88
N LYS A 3 2.65 -22.53 -5.03
CA LYS A 3 1.99 -21.41 -4.37
C LYS A 3 2.82 -20.99 -3.16
N ASP A 4 2.84 -19.67 -2.90
CA ASP A 4 3.43 -19.09 -1.70
C ASP A 4 2.30 -18.52 -0.84
N PRO A 5 1.54 -19.34 -0.11
CA PRO A 5 0.36 -18.82 0.58
C PRO A 5 0.70 -17.86 1.69
N MET A 6 1.81 -18.12 2.40
CA MET A 6 2.32 -17.16 3.39
C MET A 6 2.49 -15.75 2.82
N ASN A 7 2.55 -15.58 1.49
CA ASN A 7 2.61 -14.23 0.97
C ASN A 7 1.35 -13.45 1.33
N GLU A 8 0.20 -14.12 1.35
CA GLU A 8 -1.04 -13.46 1.75
C GLU A 8 -1.35 -13.63 3.23
N PHE A 9 -0.85 -14.69 3.86
CA PHE A 9 -1.19 -14.98 5.26
C PHE A 9 -0.28 -14.29 6.26
N SER A 10 0.79 -13.64 5.80
CA SER A 10 1.72 -12.98 6.70
C SER A 10 1.00 -11.95 7.57
N ILE A 11 0.18 -11.10 6.95
CA ILE A 11 -0.46 -10.02 7.70
C ILE A 11 -1.44 -10.58 8.72
N LEU A 12 -2.15 -11.66 8.37
CA LEU A 12 -3.10 -12.26 9.31
C LEU A 12 -2.37 -12.80 10.53
N CYS A 13 -1.22 -13.42 10.31
CA CYS A 13 -0.44 -13.93 11.44
C CYS A 13 0.06 -12.79 12.32
N ARG A 14 0.47 -11.67 11.70
CA ARG A 14 0.94 -10.55 12.49
C ARG A 14 -0.20 -9.88 13.26
N VAL A 15 -1.38 -9.77 12.65
CA VAL A 15 -2.54 -9.19 13.33
C VAL A 15 -2.95 -10.05 14.52
N LEU A 16 -3.14 -11.36 14.30
CA LEU A 16 -3.58 -12.21 15.40
C LEU A 16 -2.51 -12.34 16.47
N GLY A 17 -1.24 -12.55 16.06
CA GLY A 17 -0.15 -12.61 17.02
C GLY A 17 -0.04 -11.36 17.87
N THR A 18 -0.34 -10.20 17.28
CA THR A 18 -0.29 -8.97 18.04
C THR A 18 -1.37 -8.93 19.12
N LEU A 19 -2.57 -9.42 18.78
CA LEU A 19 -3.70 -9.38 19.70
C LEU A 19 -3.53 -10.35 20.86
N TYR A 20 -2.85 -11.48 20.65
CA TYR A 20 -2.59 -12.37 21.79
C TYR A 20 -1.39 -11.95 22.60
N TYR A 21 -0.44 -11.23 22.01
CA TYR A 21 0.82 -10.96 22.71
C TYR A 21 0.78 -9.72 23.59
N ARG A 22 -0.01 -8.70 23.23
CA ARG A 22 0.11 -7.40 23.88
C ARG A 22 -1.21 -6.95 24.48
N GLN A 23 -1.11 -6.24 25.61
CA GLN A 23 -2.27 -5.61 26.23
C GLN A 23 -3.05 -4.80 25.22
N PRO A 24 -4.37 -5.00 25.11
CA PRO A 24 -5.17 -4.23 24.13
C PRO A 24 -5.06 -2.72 24.31
N GLN A 25 -4.83 -2.21 25.51
CA GLN A 25 -4.80 -0.78 25.74
C GLN A 25 -3.40 -0.17 25.51
N ASP A 26 -2.52 -0.89 24.83
CA ASP A 26 -1.25 -0.34 24.43
C ASP A 26 -1.49 0.74 23.37
N PRO A 27 -0.96 1.95 23.56
CA PRO A 27 -1.14 3.01 22.56
C PRO A 27 -0.65 2.63 21.18
N LEU A 28 0.32 1.72 21.08
CA LEU A 28 0.78 1.24 19.78
C LEU A 28 -0.29 0.47 19.03
N LEU A 29 -1.35 0.01 19.70
CA LEU A 29 -2.38 -0.79 19.05
C LEU A 29 -3.59 0.04 18.62
N VAL A 30 -3.58 1.35 18.89
CA VAL A 30 -4.74 2.20 18.59
C VAL A 30 -5.11 2.15 17.11
N PRO A 31 -4.19 2.29 16.16
CA PRO A 31 -4.60 2.19 14.74
C PRO A 31 -5.14 0.81 14.39
N LEU A 32 -4.72 -0.23 15.09
CA LEU A 32 -5.26 -1.57 14.81
C LEU A 32 -6.71 -1.68 15.28
N PHE A 33 -7.03 -1.19 16.47
CA PHE A 33 -8.39 -1.25 16.96
C PHE A 33 -9.29 -0.28 16.23
N THR A 34 -8.72 0.77 15.65
CA THR A 34 -9.49 1.67 14.79
C THR A 34 -9.95 0.95 13.53
N LEU A 35 -9.07 0.13 12.94
CA LEU A 35 -9.49 -0.67 11.79
C LEU A 35 -10.56 -1.67 12.17
N ILE A 36 -10.41 -2.30 13.33
CA ILE A 36 -11.40 -3.29 13.76
C ILE A 36 -12.73 -2.61 14.04
N ARG A 37 -12.69 -1.52 14.82
CA ARG A 37 -13.92 -0.86 15.23
C ARG A 37 -14.62 -0.17 14.06
N GLU A 38 -13.86 0.23 13.04
CA GLU A 38 -14.43 0.81 11.84
C GLU A 38 -14.73 -0.22 10.76
N GLY A 39 -14.49 -1.50 11.02
CA GLY A 39 -14.76 -2.52 10.02
C GLY A 39 -13.87 -2.43 8.80
N LYS A 40 -12.67 -1.86 8.94
CA LYS A 40 -11.73 -1.69 7.84
C LYS A 40 -10.78 -2.87 7.70
N LEU A 41 -10.90 -3.89 8.53
CA LEU A 41 -9.99 -5.02 8.51
C LEU A 41 -10.38 -6.06 7.45
N ALA A 42 -11.68 -6.21 7.20
CA ALA A 42 -12.13 -7.29 6.32
C ALA A 42 -11.81 -7.03 4.85
N GLN A 43 -11.58 -5.78 4.47
CA GLN A 43 -11.25 -5.48 3.07
C GLN A 43 -9.83 -5.88 2.71
N ASN A 44 -8.94 -5.94 3.70
CA ASN A 44 -7.60 -6.42 3.46
C ASN A 44 -7.37 -7.67 4.33
N TRP A 45 -8.29 -8.62 4.23
CA TRP A 45 -8.19 -9.84 5.01
C TRP A 45 -8.03 -11.02 4.05
N PRO A 46 -7.00 -11.85 4.25
CA PRO A 46 -6.72 -12.93 3.29
C PRO A 46 -7.63 -14.15 3.43
N LEU A 47 -8.57 -14.13 4.38
CA LEU A 47 -9.58 -15.16 4.52
C LEU A 47 -10.96 -14.51 4.35
N GLU A 48 -11.98 -15.37 4.19
CA GLU A 48 -13.36 -14.92 4.09
C GLU A 48 -14.03 -15.13 5.44
N GLN A 49 -13.83 -14.16 6.34
CA GLN A 49 -14.40 -14.24 7.68
C GLN A 49 -15.24 -13.01 7.99
N ASP A 50 -16.10 -12.62 7.06
CA ASP A 50 -16.80 -11.34 7.15
C ASP A 50 -17.70 -11.24 8.39
N ASP A 51 -18.48 -12.28 8.66
CA ASP A 51 -19.41 -12.21 9.79
C ASP A 51 -18.70 -12.24 11.15
N LEU A 52 -17.51 -12.84 11.21
CA LEU A 52 -16.76 -12.81 12.45
C LEU A 52 -16.10 -11.45 12.66
N LEU A 53 -15.57 -10.85 11.59
CA LEU A 53 -14.97 -9.52 11.70
C LEU A 53 -16.01 -8.46 11.96
N GLU A 54 -17.24 -8.68 11.48
CA GLU A 54 -18.35 -7.78 11.79
C GLU A 54 -18.72 -7.85 13.27
N ARG A 55 -18.72 -9.05 13.84
CA ARG A 55 -18.95 -9.18 15.27
C ARG A 55 -17.81 -8.58 16.06
N LEU A 56 -16.59 -8.65 15.52
CA LEU A 56 -15.44 -8.01 16.16
C LEU A 56 -15.60 -6.50 16.15
N GLN A 57 -16.18 -5.98 15.07
CA GLN A 57 -16.38 -4.54 14.92
C GLN A 57 -17.33 -3.99 15.97
N LYS A 58 -18.38 -4.74 16.30
CA LYS A 58 -19.42 -4.27 17.21
C LYS A 58 -19.09 -4.53 18.67
N SER A 59 -18.01 -5.25 18.96
CA SER A 59 -17.68 -5.62 20.33
C SER A 59 -16.43 -4.91 20.86
N CYS A 60 -16.04 -3.81 20.22
CA CYS A 60 -14.81 -3.09 20.59
C CYS A 60 -15.02 -2.13 21.77
N ASP A 61 -15.26 -2.71 22.95
CA ASP A 61 -15.28 -1.92 24.18
C ASP A 61 -13.93 -2.14 24.86
N MET A 62 -13.09 -1.11 24.84
CA MET A 62 -11.70 -1.29 25.20
C MET A 62 -11.54 -1.66 26.68
N GLN A 63 -12.42 -1.14 27.54
CA GLN A 63 -12.37 -1.52 28.95
C GLN A 63 -12.85 -2.96 29.14
N GLN A 64 -13.87 -3.37 28.38
CA GLN A 64 -14.34 -4.74 28.43
C GLN A 64 -13.29 -5.69 27.87
N ILE A 65 -12.65 -5.30 26.77
CA ILE A 65 -11.62 -6.13 26.14
C ILE A 65 -10.42 -6.27 27.06
N SER A 66 -10.00 -5.16 27.67
CA SER A 66 -8.81 -5.17 28.51
C SER A 66 -9.01 -6.05 29.73
N THR A 67 -10.19 -5.94 30.36
CA THR A 67 -10.49 -6.75 31.53
C THR A 67 -10.45 -8.24 31.19
N ASP A 68 -11.03 -8.62 30.06
CA ASP A 68 -11.04 -10.03 29.66
C ASP A 68 -9.64 -10.54 29.35
N TYR A 69 -8.85 -9.75 28.62
CA TYR A 69 -7.48 -10.16 28.31
C TYR A 69 -6.68 -10.45 29.57
N ASN A 70 -6.74 -9.55 30.55
CA ASN A 70 -5.93 -9.72 31.76
C ASN A 70 -6.36 -10.94 32.55
N ALA A 71 -7.66 -11.18 32.63
CA ALA A 71 -8.14 -12.36 33.35
C ALA A 71 -7.72 -13.64 32.65
N LEU A 72 -7.66 -13.62 31.32
CA LEU A 72 -7.37 -14.82 30.54
C LEU A 72 -5.87 -15.13 30.50
N PHE A 73 -5.03 -14.13 30.25
CA PHE A 73 -3.65 -14.40 29.85
C PHE A 73 -2.54 -13.78 30.69
N VAL A 74 -2.83 -12.96 31.70
CA VAL A 74 -1.77 -12.19 32.33
C VAL A 74 -1.40 -12.80 33.67
N GLY A 75 -0.09 -12.99 33.88
CA GLY A 75 0.42 -13.49 35.13
C GLY A 75 0.45 -15.00 35.18
N GLU A 76 0.93 -15.49 36.33
CA GLU A 76 0.98 -16.93 36.57
C GLU A 76 -0.38 -17.45 37.01
N GLU A 77 -1.29 -16.57 37.42
CA GLU A 77 -2.63 -16.93 37.87
C GLU A 77 -3.70 -16.50 36.88
N CYS A 78 -3.48 -16.76 35.60
CA CYS A 78 -4.44 -16.46 34.56
C CYS A 78 -5.44 -17.61 34.38
N ARG A 79 -6.50 -17.35 33.60
CA ARG A 79 -7.54 -18.37 33.45
C ARG A 79 -7.17 -19.44 32.42
N VAL A 80 -6.50 -19.04 31.33
CA VAL A 80 -6.06 -19.92 30.26
C VAL A 80 -4.62 -19.59 29.88
N SER A 81 -3.68 -20.41 30.36
CA SER A 81 -2.26 -20.13 30.12
C SER A 81 -1.97 -20.12 28.62
N PRO A 82 -1.30 -19.08 28.10
CA PRO A 82 -1.13 -18.96 26.65
C PRO A 82 0.16 -19.59 26.13
N TYR A 83 0.80 -20.44 26.93
CA TYR A 83 2.09 -21.02 26.54
C TYR A 83 1.91 -22.46 26.11
N ARG A 84 2.61 -22.81 25.02
CA ARG A 84 2.62 -24.18 24.53
C ARG A 84 2.96 -25.16 25.63
N SER A 85 3.97 -24.83 26.45
CA SER A 85 4.43 -25.75 27.48
C SER A 85 3.37 -26.05 28.53
N ALA A 86 2.35 -25.20 28.66
CA ALA A 86 1.28 -25.52 29.60
C ALA A 86 0.28 -26.53 29.04
N TRP A 87 0.34 -26.84 27.75
CA TRP A 87 -0.66 -27.66 27.09
C TRP A 87 -0.11 -28.96 26.52
N GLN A 88 1.11 -28.99 25.99
CA GLN A 88 1.69 -30.23 25.45
C GLN A 88 2.62 -30.84 26.49
N GLU A 89 2.38 -32.12 26.80
CA GLU A 89 3.22 -32.83 27.76
C GLU A 89 4.62 -33.05 27.19
N GLY A 90 5.63 -32.76 27.99
CA GLY A 90 7.01 -32.85 27.58
C GLY A 90 7.54 -31.62 26.88
N ALA A 91 6.67 -30.76 26.38
CA ALA A 91 7.11 -29.53 25.71
C ALA A 91 7.88 -28.64 26.68
N THR A 92 8.94 -28.02 26.18
CA THR A 92 9.72 -27.06 26.95
C THR A 92 9.85 -25.76 26.15
N GLU A 93 10.05 -24.65 26.87
CA GLU A 93 10.26 -23.37 26.20
C GLU A 93 11.62 -23.33 25.49
N ALA A 94 12.62 -24.02 26.03
CA ALA A 94 13.97 -23.93 25.47
C ALA A 94 14.01 -24.41 24.03
N GLU A 95 13.28 -25.47 23.70
CA GLU A 95 13.32 -26.02 22.35
C GLU A 95 12.65 -25.11 21.32
N VAL A 96 11.64 -24.34 21.72
CA VAL A 96 11.03 -23.38 20.81
C VAL A 96 11.96 -22.18 20.64
N ARG A 97 12.56 -21.72 21.74
CA ARG A 97 13.56 -20.65 21.66
C ARG A 97 14.66 -21.01 20.69
N ALA A 98 15.23 -22.20 20.84
CA ALA A 98 16.32 -22.62 19.96
C ALA A 98 15.86 -22.67 18.51
N PHE A 99 14.66 -23.20 18.27
CA PHE A 99 14.14 -23.23 16.91
C PHE A 99 14.02 -21.82 16.33
N LEU A 100 13.47 -20.88 17.12
CA LEU A 100 13.33 -19.51 16.64
C LEU A 100 14.68 -18.81 16.53
N SER A 101 15.61 -19.09 17.44
CA SER A 101 16.94 -18.48 17.37
C SER A 101 17.67 -18.86 16.08
N GLU A 102 17.66 -20.15 15.72
CA GLU A 102 18.39 -20.58 14.54
C GLU A 102 17.81 -20.04 13.25
N ARG A 103 16.53 -19.65 13.26
CA ARG A 103 15.97 -18.98 12.09
C ARG A 103 16.36 -17.52 12.03
N GLY A 104 16.99 -16.99 13.08
CA GLY A 104 17.39 -15.61 13.10
C GLY A 104 16.39 -14.69 13.74
N MET A 105 15.45 -15.23 14.48
CA MET A 105 14.38 -14.40 15.00
C MET A 105 14.80 -13.75 16.31
N PRO A 106 14.66 -12.43 16.45
CA PRO A 106 14.91 -11.77 17.73
C PRO A 106 13.84 -12.11 18.74
N LEU A 107 14.26 -12.47 19.96
CA LEU A 107 13.37 -12.81 21.05
C LEU A 107 13.65 -11.92 22.24
N THR A 108 12.72 -11.93 23.20
CA THR A 108 12.83 -11.20 24.46
C THR A 108 13.12 -12.17 25.59
N ASP A 109 13.03 -11.66 26.83
CA ASP A 109 13.21 -12.50 28.00
C ASP A 109 11.93 -13.22 28.40
N THR A 110 10.79 -12.86 27.80
CA THR A 110 9.57 -13.61 28.01
C THR A 110 9.60 -14.92 27.21
N PRO A 111 8.98 -15.98 27.72
CA PRO A 111 9.09 -17.30 27.09
C PRO A 111 8.72 -17.30 25.62
N ALA A 112 9.55 -17.96 24.81
CA ALA A 112 9.40 -17.94 23.37
C ALA A 112 8.18 -18.71 22.88
N ASP A 113 7.59 -19.59 23.70
CA ASP A 113 6.47 -20.41 23.27
C ASP A 113 5.11 -19.76 23.55
N HIS A 114 5.07 -18.45 23.71
CA HIS A 114 3.79 -17.75 23.78
C HIS A 114 3.08 -17.83 22.43
N ILE A 115 1.74 -17.99 22.49
CA ILE A 115 0.94 -18.10 21.26
C ILE A 115 1.16 -16.90 20.35
N GLY A 116 1.27 -15.70 20.94
CA GLY A 116 1.51 -14.52 20.13
C GLY A 116 2.84 -14.58 19.41
N THR A 117 3.90 -14.96 20.14
CA THR A 117 5.23 -15.06 19.55
C THR A 117 5.28 -16.07 18.40
N LEU A 118 4.62 -17.22 18.56
CA LEU A 118 4.60 -18.22 17.50
C LEU A 118 3.94 -17.66 16.24
N LEU A 119 2.83 -16.93 16.41
CA LEU A 119 2.14 -16.35 15.26
C LEU A 119 2.95 -15.22 14.63
N LEU A 120 3.60 -14.39 15.45
CA LEU A 120 4.45 -13.34 14.90
C LEU A 120 5.63 -13.92 14.15
N ALA A 121 6.16 -15.05 14.63
CA ALA A 121 7.28 -15.70 13.95
C ALA A 121 6.90 -16.13 12.54
N ALA A 122 5.62 -16.50 12.34
CA ALA A 122 5.20 -16.95 11.03
C ALA A 122 5.31 -15.83 10.01
N SER A 123 4.91 -14.60 10.37
CA SER A 123 5.09 -13.49 9.44
C SER A 123 6.54 -13.03 9.38
N TRP A 124 7.30 -13.14 10.49
CA TRP A 124 8.71 -12.79 10.42
C TRP A 124 9.46 -13.75 9.49
N ILE A 125 9.16 -15.05 9.57
CA ILE A 125 9.80 -16.03 8.70
C ILE A 125 9.42 -15.78 7.24
N GLU A 126 8.17 -15.36 7.01
CA GLU A 126 7.76 -15.05 5.64
C GLU A 126 8.54 -13.88 5.08
N ASP A 127 8.99 -12.97 5.94
CA ASP A 127 9.60 -11.73 5.48
C ASP A 127 11.11 -11.79 5.36
N HIS A 128 11.79 -12.69 6.09
CA HIS A 128 13.25 -12.74 6.08
C HIS A 128 13.71 -14.21 6.11
N ALA A 129 13.53 -14.90 4.99
CA ALA A 129 14.03 -16.27 4.87
C ALA A 129 14.17 -16.72 3.42
N ASP A 132 14.50 -21.59 2.15
CA ASP A 132 14.25 -22.31 3.40
C ASP A 132 12.96 -21.89 4.13
N GLU A 133 12.33 -20.80 3.68
CA GLU A 133 11.15 -20.24 4.36
C GLU A 133 10.06 -21.29 4.57
N ASN A 134 9.72 -22.04 3.53
CA ASN A 134 8.60 -22.96 3.63
C ASN A 134 8.92 -24.16 4.51
N GLU A 135 10.18 -24.58 4.52
CA GLU A 135 10.55 -25.66 5.43
C GLU A 135 10.45 -25.19 6.87
N ALA A 136 10.74 -23.90 7.10
CA ALA A 136 10.60 -23.33 8.44
C ALA A 136 9.14 -23.19 8.84
N ILE A 137 8.27 -22.85 7.87
CA ILE A 137 6.84 -22.68 8.16
C ILE A 137 6.20 -24.01 8.54
N GLU A 138 6.56 -25.09 7.83
CA GLU A 138 5.95 -26.39 8.11
C GLU A 138 6.31 -26.89 9.50
N THR A 139 7.57 -26.69 9.90
CA THR A 139 7.98 -27.11 11.24
C THR A 139 7.31 -26.28 12.32
N LEU A 140 7.22 -24.96 12.13
CA LEU A 140 6.54 -24.13 13.12
C LEU A 140 5.11 -24.62 13.38
N PHE A 141 4.36 -24.91 12.31
CA PHE A 141 2.98 -25.34 12.45
C PHE A 141 2.87 -26.79 12.93
N GLU A 142 3.60 -27.71 12.29
CA GLU A 142 3.43 -29.13 12.59
C GLU A 142 3.93 -29.47 13.99
N MET A 143 5.03 -28.85 14.42
CA MET A 143 5.62 -29.21 15.70
C MET A 143 5.20 -28.31 16.86
N TYR A 144 4.94 -27.02 16.62
CA TYR A 144 4.81 -26.07 17.72
C TYR A 144 3.49 -25.30 17.74
N LEU A 145 2.50 -25.70 16.95
CA LEU A 145 1.22 -25.01 16.92
C LEU A 145 0.06 -26.00 16.86
N LEU A 146 -0.10 -26.66 15.72
CA LEU A 146 -1.21 -27.60 15.52
C LEU A 146 -1.40 -28.64 16.62
N PRO A 147 -0.36 -29.25 17.21
CA PRO A 147 -0.63 -30.26 18.24
C PRO A 147 -1.42 -29.77 19.45
N TRP A 148 -1.32 -28.50 19.83
CA TRP A 148 -1.91 -28.03 21.08
C TRP A 148 -2.87 -26.85 20.95
N VAL A 149 -2.78 -26.07 19.87
CA VAL A 149 -3.45 -24.77 19.80
C VAL A 149 -4.97 -24.92 19.75
N GLY A 150 -5.48 -26.02 19.22
CA GLY A 150 -6.93 -26.23 19.24
C GLY A 150 -7.48 -26.38 20.65
N THR A 151 -6.73 -27.05 21.52
CA THR A 151 -7.19 -27.19 22.90
C THR A 151 -7.19 -25.85 23.62
N PHE A 152 -6.11 -25.08 23.46
CA PHE A 152 -5.99 -23.77 24.09
C PHE A 152 -7.11 -22.84 23.64
N LEU A 153 -7.31 -22.73 22.32
CA LEU A 153 -8.32 -21.82 21.80
C LEU A 153 -9.72 -22.21 22.25
N GLY A 154 -9.98 -23.50 22.42
CA GLY A 154 -11.28 -23.92 22.91
C GLY A 154 -11.49 -23.51 24.35
N LYS A 155 -10.44 -23.56 25.16
CA LYS A 155 -10.55 -23.10 26.55
C LYS A 155 -10.67 -21.58 26.60
N VAL A 156 -10.06 -20.87 25.64
CA VAL A 156 -10.20 -19.42 25.57
C VAL A 156 -11.65 -19.04 25.34
N GLU A 157 -12.31 -19.72 24.39
CA GLU A 157 -13.70 -19.44 24.09
C GLU A 157 -14.60 -19.73 25.28
N ALA A 158 -14.27 -20.73 26.08
CA ALA A 158 -15.14 -21.06 27.20
C ALA A 158 -14.95 -20.10 28.37
N HIS A 159 -13.74 -19.57 28.56
CA HIS A 159 -13.41 -18.69 29.67
C HIS A 159 -13.50 -17.21 29.35
N ALA A 160 -13.59 -16.85 28.07
CA ALA A 160 -13.70 -15.43 27.76
C ALA A 160 -15.09 -14.94 28.11
N THR A 161 -15.15 -13.85 28.87
CA THR A 161 -16.43 -13.27 29.24
C THR A 161 -16.86 -12.18 28.28
N SER A 162 -15.94 -11.67 27.47
CA SER A 162 -16.23 -10.57 26.56
C SER A 162 -16.62 -11.11 25.19
N PRO A 163 -17.54 -10.44 24.49
CA PRO A 163 -17.87 -10.89 23.13
C PRO A 163 -16.70 -10.77 22.17
N PHE A 164 -15.76 -9.85 22.45
CA PHE A 164 -14.59 -9.69 21.60
C PHE A 164 -13.72 -10.95 21.61
N TRP A 165 -13.32 -11.40 22.78
CA TRP A 165 -12.53 -12.62 22.87
C TRP A 165 -13.38 -13.87 22.66
N ARG A 166 -14.70 -13.80 22.84
CA ARG A 166 -15.52 -14.93 22.45
C ARG A 166 -15.58 -15.07 20.94
N THR A 167 -15.27 -14.01 20.20
CA THR A 167 -15.24 -14.05 18.74
C THR A 167 -13.83 -14.35 18.22
N LEU A 168 -12.82 -13.71 18.84
CA LEU A 168 -11.45 -13.85 18.36
C LEU A 168 -10.95 -15.28 18.47
N ALA A 169 -11.27 -15.97 19.57
CA ALA A 169 -10.81 -17.34 19.75
C ALA A 169 -11.25 -18.27 18.61
N PRO A 170 -12.53 -18.36 18.24
CA PRO A 170 -12.88 -19.19 17.08
C PRO A 170 -12.42 -18.59 15.77
N LEU A 171 -12.33 -17.26 15.68
CA LEU A 171 -11.77 -16.65 14.49
C LEU A 171 -10.35 -17.15 14.26
N THR A 172 -9.56 -17.20 15.35
CA THR A 172 -8.20 -17.72 15.27
C THR A 172 -8.21 -19.19 14.89
N ARG A 173 -9.08 -19.98 15.53
CA ARG A 173 -9.21 -21.40 15.24
C ARG A 173 -9.48 -21.65 13.75
N ASP A 174 -10.47 -20.95 13.17
CA ASP A 174 -10.77 -21.14 11.76
C ASP A 174 -9.62 -20.66 10.88
N ALA A 175 -8.95 -19.58 11.28
CA ALA A 175 -7.89 -19.01 10.47
C ALA A 175 -6.69 -19.94 10.41
N ILE A 176 -6.33 -20.55 11.54
CA ILE A 176 -5.17 -21.44 11.55
C ILE A 176 -5.44 -22.70 10.74
N ALA A 177 -6.64 -23.26 10.86
CA ALA A 177 -6.95 -24.47 10.10
C ALA A 177 -7.04 -24.17 8.61
N ALA A 178 -7.56 -22.99 8.25
CA ALA A 178 -7.68 -22.62 6.85
C ALA A 178 -6.31 -22.34 6.24
N MET A 179 -5.42 -21.71 7.01
CA MET A 179 -4.06 -21.49 6.52
C MET A 179 -3.32 -22.79 6.35
N TRP A 180 -3.45 -23.69 7.33
CA TRP A 180 -2.72 -24.96 7.31
C TRP A 180 -3.11 -25.81 6.11
N ASP A 181 -4.40 -25.84 5.77
CA ASP A 181 -4.82 -26.60 4.60
C ASP A 181 -4.14 -26.09 3.34
N GLU A 182 -3.97 -24.77 3.21
CA GLU A 182 -3.37 -24.21 2.00
C GLU A 182 -1.86 -24.48 1.94
N LEU A 183 -1.18 -24.38 3.09
CA LEU A 183 0.24 -24.71 3.17
C LEU A 183 0.50 -26.19 2.91
N GLU A 184 -0.27 -27.07 3.59
CA GLU A 184 -0.07 -28.50 3.42
C GLU A 184 -0.30 -28.92 1.98
N GLU A 185 -1.22 -28.26 1.26
CA GLU A 185 -1.47 -28.63 -0.12
C GLU A 185 -0.24 -28.36 -0.98
N GLU A 186 0.60 -27.41 -0.56
CA GLU A 186 1.86 -27.15 -1.23
C GLU A 186 3.01 -27.95 -0.64
N ASN A 187 2.97 -28.21 0.68
CA ASN A 187 4.01 -29.01 1.32
C ASN A 187 4.01 -30.43 0.80
N GLU A 188 2.82 -31.02 0.68
CA GLU A 188 2.66 -32.41 0.28
C GLU A 188 2.22 -32.54 -1.17
N GLU A 189 2.43 -31.50 -1.96
CA GLU A 189 2.08 -31.55 -3.38
C GLU A 189 3.03 -32.47 -4.13
N SER B 1 -7.69 25.32 -3.81
CA SER B 1 -7.99 24.70 -2.52
C SER B 1 -6.69 24.47 -1.76
N ALA B 2 -6.81 24.18 -0.47
CA ALA B 2 -5.65 24.15 0.42
C ALA B 2 -4.86 22.85 0.28
N LYS B 3 -3.60 22.93 0.67
CA LYS B 3 -2.80 21.73 0.84
C LYS B 3 -3.10 21.11 2.20
N ASP B 4 -3.05 19.77 2.25
CA ASP B 4 -3.19 18.95 3.45
C ASP B 4 -1.84 18.30 3.75
N PRO B 5 -0.87 19.03 4.32
CA PRO B 5 0.46 18.44 4.51
C PRO B 5 0.49 17.26 5.48
N MET B 6 -0.36 17.26 6.51
CA MET B 6 -0.44 16.11 7.41
C MET B 6 -0.78 14.81 6.67
N ASN B 7 -1.31 14.89 5.45
CA ASN B 7 -1.58 13.65 4.72
C ASN B 7 -0.29 12.89 4.42
N GLU B 8 0.81 13.60 4.17
CA GLU B 8 2.07 12.89 3.96
C GLU B 8 2.90 12.75 5.24
N PHE B 9 2.75 13.67 6.20
CA PHE B 9 3.61 13.71 7.38
C PHE B 9 3.09 12.84 8.50
N SER B 10 1.87 12.32 8.37
CA SER B 10 1.27 11.48 9.39
C SER B 10 2.15 10.28 9.72
N ILE B 11 2.63 9.57 8.70
CA ILE B 11 3.41 8.36 8.97
C ILE B 11 4.73 8.70 9.63
N LEU B 12 5.36 9.81 9.21
CA LEU B 12 6.61 10.24 9.84
C LEU B 12 6.39 10.53 11.32
N CYS B 13 5.27 11.18 11.65
CA CYS B 13 4.95 11.43 13.05
C CYS B 13 4.71 10.13 13.81
N ARG B 14 4.11 9.14 13.15
CA ARG B 14 3.87 7.87 13.82
C ARG B 14 5.18 7.11 14.03
N VAL B 15 6.07 7.14 13.04
CA VAL B 15 7.37 6.48 13.18
C VAL B 15 8.19 7.14 14.28
N LEU B 16 8.32 8.46 14.24
CA LEU B 16 9.15 9.14 15.24
C LEU B 16 8.55 9.02 16.63
N GLY B 17 7.23 9.22 16.76
CA GLY B 17 6.57 9.04 18.05
C GLY B 17 6.72 7.64 18.61
N THR B 18 6.74 6.63 17.73
CA THR B 18 6.91 5.27 18.21
C THR B 18 8.31 5.04 18.77
N LEU B 19 9.32 5.64 18.13
CA LEU B 19 10.70 5.46 18.56
C LEU B 19 10.99 6.15 19.89
N TYR B 20 10.29 7.27 20.18
CA TYR B 20 10.49 7.92 21.49
C TYR B 20 9.62 7.30 22.58
N TYR B 21 8.50 6.68 22.22
CA TYR B 21 7.55 6.22 23.23
C TYR B 21 7.86 4.84 23.79
N ARG B 22 8.44 3.94 23.00
CA ARG B 22 8.55 2.54 23.40
C ARG B 22 9.98 2.04 23.34
N GLN B 23 10.29 1.13 24.28
CA GLN B 23 11.55 0.41 24.29
C GLN B 23 11.84 -0.21 22.92
N PRO B 24 13.02 0.05 22.34
CA PRO B 24 13.35 -0.54 21.02
C PRO B 24 13.23 -2.05 20.94
N GLN B 25 13.42 -2.79 22.05
CA GLN B 25 13.38 -4.24 21.99
C GLN B 25 11.96 -4.81 22.10
N ASP B 26 10.94 -3.97 21.90
CA ASP B 26 9.56 -4.44 21.85
C ASP B 26 9.41 -5.28 20.60
N PRO B 27 8.96 -6.54 20.72
CA PRO B 27 8.79 -7.38 19.52
C PRO B 27 7.86 -6.75 18.48
N LEU B 28 6.95 -5.89 18.92
CA LEU B 28 6.09 -5.18 17.99
C LEU B 28 6.87 -4.21 17.12
N LEU B 29 8.10 -3.85 17.50
CA LEU B 29 8.91 -2.90 16.74
C LEU B 29 9.90 -3.59 15.82
N VAL B 30 9.92 -4.93 15.82
CA VAL B 30 10.89 -5.66 15.00
C VAL B 30 10.74 -5.29 13.53
N PRO B 31 9.54 -5.22 12.94
CA PRO B 31 9.43 -4.79 11.53
C PRO B 31 9.88 -3.36 11.29
N LEU B 32 9.75 -2.46 12.27
CA LEU B 32 10.20 -1.10 12.04
C LEU B 32 11.73 -1.02 12.00
N PHE B 33 12.41 -1.72 12.90
CA PHE B 33 13.86 -1.73 12.88
C PHE B 33 14.41 -2.50 11.68
N THR B 34 13.64 -3.44 11.15
CA THR B 34 14.01 -4.12 9.92
C THR B 34 13.98 -3.16 8.74
N LEU B 35 12.97 -2.29 8.67
CA LEU B 35 12.94 -1.28 7.62
C LEU B 35 14.12 -0.32 7.74
N ILE B 36 14.44 0.08 8.97
CA ILE B 36 15.55 0.98 9.20
C ILE B 36 16.85 0.31 8.79
N ARG B 37 17.07 -0.90 9.30
CA ARG B 37 18.33 -1.60 9.11
C ARG B 37 18.54 -2.03 7.67
N GLU B 38 17.45 -2.25 6.93
CA GLU B 38 17.53 -2.60 5.53
C GLU B 38 17.52 -1.39 4.62
N GLY B 39 17.45 -0.19 5.19
CA GLY B 39 17.42 1.01 4.38
C GLY B 39 16.20 1.13 3.50
N LYS B 40 15.09 0.48 3.89
CA LYS B 40 13.85 0.48 3.12
C LYS B 40 12.89 1.58 3.55
N LEU B 41 13.30 2.43 4.51
CA LEU B 41 12.42 3.46 5.06
C LEU B 41 12.40 4.73 4.22
N ALA B 42 13.50 5.06 3.54
CA ALA B 42 13.64 6.35 2.88
C ALA B 42 12.80 6.49 1.62
N GLN B 43 12.38 5.39 1.02
CA GLN B 43 11.59 5.40 -0.20
C GLN B 43 10.13 5.78 0.03
N ASN B 44 9.61 5.56 1.24
CA ASN B 44 8.27 6.05 1.55
C ASN B 44 8.37 7.05 2.68
N TRP B 45 9.29 8.01 2.55
CA TRP B 45 9.55 9.01 3.57
C TRP B 45 9.17 10.37 3.01
N PRO B 46 8.35 11.13 3.73
CA PRO B 46 7.83 12.39 3.19
C PRO B 46 8.84 13.54 3.23
N LEU B 47 10.03 13.35 3.79
CA LEU B 47 11.10 14.34 3.77
C LEU B 47 12.32 13.77 3.03
N GLU B 48 13.25 14.67 2.69
CA GLU B 48 14.49 14.30 2.00
C GLU B 48 15.61 14.28 3.04
N GLN B 49 15.72 13.17 3.75
CA GLN B 49 16.70 12.98 4.82
C GLN B 49 17.53 11.73 4.58
N ASP B 50 18.00 11.55 3.33
CA ASP B 50 18.62 10.29 2.92
C ASP B 50 19.91 10.02 3.70
N ASP B 51 20.78 11.03 3.86
CA ASP B 51 22.04 10.76 4.55
C ASP B 51 21.83 10.48 6.03
N LEU B 52 20.80 11.06 6.63
CA LEU B 52 20.50 10.78 8.03
C LEU B 52 19.92 9.38 8.21
N LEU B 53 19.01 8.99 7.32
CA LEU B 53 18.45 7.63 7.37
C LEU B 53 19.49 6.57 7.03
N GLU B 54 20.47 6.94 6.21
CA GLU B 54 21.56 6.02 5.90
C GLU B 54 22.41 5.76 7.13
N ARG B 55 22.67 6.80 7.92
CA ARG B 55 23.45 6.63 9.14
C ARG B 55 22.67 5.83 10.19
N LEU B 56 21.36 6.01 10.24
CA LEU B 56 20.53 5.24 11.16
C LEU B 56 20.58 3.77 10.78
N GLN B 57 20.65 3.50 9.48
CA GLN B 57 20.69 2.14 8.97
C GLN B 57 21.93 1.40 9.45
N LYS B 58 23.06 2.10 9.50
CA LYS B 58 24.34 1.48 9.83
C LYS B 58 24.59 1.44 11.34
N SER B 59 23.69 2.01 12.14
CA SER B 59 23.85 2.03 13.60
C SER B 59 22.79 1.19 14.32
N CYS B 60 22.13 0.27 13.62
CA CYS B 60 21.07 -0.54 14.21
C CYS B 60 21.63 -1.70 15.03
N ASP B 61 22.32 -1.37 16.11
CA ASP B 61 22.75 -2.38 17.07
C ASP B 61 21.77 -2.35 18.21
N MET B 62 20.93 -3.39 18.29
CA MET B 62 19.79 -3.35 19.20
C MET B 62 20.24 -3.31 20.65
N GLN B 63 21.37 -3.96 20.97
CA GLN B 63 21.88 -3.93 22.33
C GLN B 63 22.43 -2.54 22.67
N GLN B 64 23.08 -1.89 21.72
CA GLN B 64 23.54 -0.52 21.92
C GLN B 64 22.38 0.46 21.98
N ILE B 65 21.39 0.30 21.10
CA ILE B 65 20.24 1.21 21.06
C ILE B 65 19.44 1.10 22.35
N SER B 66 19.20 -0.12 22.82
CA SER B 66 18.39 -0.34 24.01
C SER B 66 19.02 0.29 25.24
N THR B 67 20.33 0.10 25.40
CA THR B 67 21.05 0.71 26.52
C THR B 67 20.97 2.22 26.47
N ASP B 68 21.15 2.80 25.28
CA ASP B 68 21.11 4.26 25.17
C ASP B 68 19.71 4.79 25.48
N TYR B 69 18.67 4.14 24.94
CA TYR B 69 17.29 4.57 25.21
C TYR B 69 17.00 4.58 26.71
N ASN B 70 17.38 3.51 27.41
CA ASN B 70 17.02 3.43 28.82
C ASN B 70 17.77 4.46 29.65
N ALA B 71 19.04 4.71 29.30
CA ALA B 71 19.80 5.73 30.01
C ALA B 71 19.23 7.12 29.76
N LEU B 72 18.64 7.35 28.57
CA LEU B 72 18.13 8.66 28.18
C LEU B 72 16.75 8.96 28.76
N PHE B 73 15.80 8.04 28.63
CA PHE B 73 14.40 8.40 28.82
C PHE B 73 13.64 7.60 29.86
N VAL B 74 14.23 6.58 30.47
CA VAL B 74 13.47 5.64 31.29
C VAL B 74 13.75 5.91 32.75
N GLY B 75 12.68 5.96 33.55
CA GLY B 75 12.79 6.15 34.98
C GLY B 75 12.82 7.60 35.41
N GLU B 76 12.92 7.78 36.73
CA GLU B 76 13.00 9.11 37.30
C GLU B 76 14.42 9.66 37.27
N GLU B 77 15.44 8.81 37.14
CA GLU B 77 16.83 9.24 37.12
C GLU B 77 17.42 9.08 35.73
N CYS B 78 16.66 9.49 34.71
CA CYS B 78 17.15 9.41 33.35
C CYS B 78 17.96 10.66 33.01
N ARG B 79 18.62 10.61 31.86
CA ARG B 79 19.51 11.69 31.45
C ARG B 79 18.75 12.87 30.86
N VAL B 80 17.69 12.61 30.08
CA VAL B 80 16.93 13.66 29.43
C VAL B 80 15.44 13.34 29.55
N SER B 81 14.77 14.02 30.47
CA SER B 81 13.36 13.74 30.70
C SER B 81 12.56 13.99 29.42
N PRO B 82 11.71 13.07 28.99
CA PRO B 82 11.01 13.22 27.72
C PRO B 82 9.64 13.90 27.79
N TYR B 83 9.32 14.56 28.90
CA TYR B 83 8.01 15.17 29.09
C TYR B 83 8.05 16.69 28.91
N ARG B 84 7.02 17.22 28.25
CA ARG B 84 6.92 18.66 28.05
C ARG B 84 7.06 19.42 29.36
N SER B 85 6.38 18.96 30.41
CA SER B 85 6.37 19.66 31.69
C SER B 85 7.76 19.74 32.32
N ALA B 86 8.71 18.93 31.87
CA ALA B 86 10.07 19.07 32.38
C ALA B 86 10.82 20.23 31.74
N TRP B 87 10.30 20.81 30.64
CA TRP B 87 11.05 21.79 29.88
C TRP B 87 10.40 23.17 29.79
N GLN B 88 9.06 23.26 29.78
CA GLN B 88 8.38 24.56 29.74
C GLN B 88 7.91 24.93 31.14
N GLU B 89 8.26 26.13 31.58
CA GLU B 89 7.83 26.61 32.89
C GLU B 89 6.33 26.85 32.92
N GLY B 90 5.67 26.35 33.96
CA GLY B 90 4.23 26.45 34.07
C GLY B 90 3.47 25.36 33.36
N ALA B 91 4.11 24.66 32.43
CA ALA B 91 3.45 23.58 31.71
C ALA B 91 3.05 22.49 32.69
N THR B 92 1.85 21.93 32.48
CA THR B 92 1.36 20.82 33.29
C THR B 92 0.98 19.68 32.36
N GLU B 93 1.04 18.46 32.89
CA GLU B 93 0.58 17.30 32.14
C GLU B 93 -0.94 17.30 32.02
N ALA B 94 -1.65 17.85 33.02
CA ALA B 94 -3.11 17.80 32.99
C ALA B 94 -3.67 18.55 31.79
N GLU B 95 -3.07 19.69 31.45
CA GLU B 95 -3.60 20.52 30.38
C GLU B 95 -3.43 19.86 29.01
N VAL B 96 -2.37 19.07 28.84
CA VAL B 96 -2.15 18.36 27.57
C VAL B 96 -3.13 17.19 27.46
N ARG B 97 -3.36 16.48 28.57
CA ARG B 97 -4.37 15.43 28.61
C ARG B 97 -5.73 15.96 28.17
N ALA B 98 -6.18 17.07 28.76
CA ALA B 98 -7.50 17.60 28.43
C ALA B 98 -7.58 17.96 26.96
N PHE B 99 -6.53 18.55 26.41
CA PHE B 99 -6.53 18.87 24.99
C PHE B 99 -6.67 17.62 24.13
N LEU B 100 -5.90 16.58 24.47
CA LEU B 100 -5.94 15.34 23.71
C LEU B 100 -7.26 14.59 23.94
N SER B 101 -7.75 14.61 25.18
CA SER B 101 -9.05 14.01 25.48
C SER B 101 -10.16 14.67 24.69
N GLU B 102 -10.16 16.01 24.65
CA GLU B 102 -11.22 16.74 23.96
C GLU B 102 -11.19 16.50 22.46
N ARG B 103 -10.04 16.11 21.91
CA ARG B 103 -9.95 15.70 20.51
C ARG B 103 -10.44 14.28 20.29
N GLY B 104 -10.71 13.53 21.35
CA GLY B 104 -11.18 12.16 21.25
C GLY B 104 -10.08 11.11 21.29
N MET B 105 -8.87 11.48 21.67
CA MET B 105 -7.73 10.56 21.59
C MET B 105 -7.68 9.66 22.81
N PRO B 106 -7.56 8.35 22.64
CA PRO B 106 -7.36 7.47 23.79
C PRO B 106 -5.97 7.65 24.37
N LEU B 107 -5.90 7.74 25.69
CA LEU B 107 -4.65 7.90 26.42
C LEU B 107 -4.52 6.76 27.43
N THR B 108 -3.31 6.61 27.96
CA THR B 108 -3.03 5.63 29.02
C THR B 108 -2.80 6.35 30.34
N ASP B 109 -2.33 5.59 31.33
CA ASP B 109 -1.98 6.14 32.63
C ASP B 109 -0.59 6.77 32.61
N THR B 110 0.14 6.64 31.50
CA THR B 110 1.41 7.33 31.37
C THR B 110 1.14 8.80 31.06
N PRO B 111 2.02 9.70 31.52
CA PRO B 111 1.77 11.14 31.37
C PRO B 111 1.52 11.50 29.91
N ALA B 112 0.50 12.33 29.68
CA ALA B 112 0.09 12.60 28.31
C ALA B 112 1.08 13.46 27.54
N ASP B 113 1.97 14.18 28.23
CA ASP B 113 2.90 15.12 27.60
C ASP B 113 4.26 14.49 27.27
N HIS B 114 4.32 13.17 27.13
CA HIS B 114 5.51 12.51 26.61
C HIS B 114 5.72 12.90 25.15
N ILE B 115 6.99 13.08 24.75
CA ILE B 115 7.29 13.47 23.38
C ILE B 115 6.69 12.46 22.39
N GLY B 116 6.76 11.18 22.74
CA GLY B 116 6.17 10.16 21.89
C GLY B 116 4.67 10.33 21.72
N THR B 117 3.95 10.55 22.83
CA THR B 117 2.50 10.72 22.78
C THR B 117 2.11 11.90 21.91
N LEU B 118 2.81 13.02 22.06
CA LEU B 118 2.48 14.21 21.29
C LEU B 118 2.65 13.95 19.80
N LEU B 119 3.72 13.23 19.42
CA LEU B 119 3.94 12.90 18.01
C LEU B 119 2.93 11.88 17.51
N LEU B 120 2.59 10.88 18.32
CA LEU B 120 1.55 9.94 17.94
C LEU B 120 0.21 10.64 17.79
N ALA B 121 -0.04 11.67 18.60
CA ALA B 121 -1.28 12.42 18.49
C ALA B 121 -1.39 13.12 17.14
N ALA B 122 -0.26 13.55 16.56
CA ALA B 122 -0.31 14.24 15.27
C ALA B 122 -0.83 13.32 14.15
N SER B 123 -0.38 12.07 14.12
CA SER B 123 -0.92 11.16 13.10
C SER B 123 -2.31 10.68 13.47
N TRP B 124 -2.61 10.55 14.77
CA TRP B 124 -3.97 10.17 15.17
C TRP B 124 -4.97 11.25 14.78
N ILE B 125 -4.62 12.53 15.00
CA ILE B 125 -5.48 13.64 14.63
C ILE B 125 -5.65 13.72 13.12
N GLU B 126 -4.57 13.44 12.37
CA GLU B 126 -4.65 13.49 10.92
C GLU B 126 -5.59 12.42 10.39
N ASP B 127 -5.73 11.31 11.11
CA ASP B 127 -6.50 10.18 10.61
C ASP B 127 -7.96 10.20 11.05
N HIS B 128 -8.31 10.95 12.13
CA HIS B 128 -9.66 10.96 12.68
C HIS B 128 -10.04 12.39 13.05
N ALA B 129 -10.31 13.23 12.05
CA ALA B 129 -10.77 14.59 12.33
C ALA B 129 -11.47 15.23 11.13
N ASP B 132 -12.30 19.96 11.83
CA ASP B 132 -11.48 20.70 12.77
C ASP B 132 -10.01 20.23 12.82
N GLU B 133 -9.56 19.50 11.79
CA GLU B 133 -8.24 18.86 11.82
C GLU B 133 -7.12 19.90 11.87
N ASN B 134 -7.22 20.96 11.08
CA ASN B 134 -6.11 21.91 10.98
C ASN B 134 -5.93 22.72 12.26
N GLU B 135 -7.04 23.09 12.91
CA GLU B 135 -6.93 23.89 14.13
C GLU B 135 -6.35 23.05 15.27
N ALA B 136 -6.62 21.74 15.28
CA ALA B 136 -6.05 20.88 16.30
C ALA B 136 -4.56 20.70 16.08
N ILE B 137 -4.12 20.62 14.82
CA ILE B 137 -2.71 20.46 14.51
C ILE B 137 -1.93 21.73 14.86
N GLU B 138 -2.49 22.90 14.56
CA GLU B 138 -1.76 24.13 14.87
C GLU B 138 -1.59 24.29 16.37
N THR B 139 -2.62 23.94 17.15
CA THR B 139 -2.50 24.04 18.60
C THR B 139 -1.49 23.03 19.14
N LEU B 140 -1.52 21.81 18.61
CA LEU B 140 -0.56 20.80 19.05
C LEU B 140 0.88 21.28 18.87
N PHE B 141 1.19 21.86 17.72
CA PHE B 141 2.56 22.30 17.44
C PHE B 141 2.91 23.60 18.16
N GLU B 142 2.06 24.63 18.03
CA GLU B 142 2.40 25.94 18.55
C GLU B 142 2.41 25.96 20.07
N MET B 143 1.45 25.27 20.69
CA MET B 143 1.30 25.34 22.14
C MET B 143 2.03 24.22 22.88
N TYR B 144 2.13 23.03 22.33
CA TYR B 144 2.64 21.89 23.09
C TYR B 144 3.86 21.25 22.46
N LEU B 145 4.49 21.87 21.46
CA LEU B 145 5.62 21.22 20.83
C LEU B 145 6.78 22.17 20.56
N LEU B 146 6.61 23.08 19.60
CA LEU B 146 7.66 24.01 19.22
C LEU B 146 8.31 24.78 20.37
N PRO B 147 7.59 25.28 21.38
CA PRO B 147 8.28 26.07 22.43
C PRO B 147 9.40 25.34 23.15
N TRP B 148 9.32 24.03 23.30
CA TRP B 148 10.26 23.29 24.16
C TRP B 148 11.02 22.16 23.47
N VAL B 149 10.53 21.64 22.34
CA VAL B 149 11.08 20.43 21.76
C VAL B 149 12.51 20.64 21.24
N GLY B 150 12.85 21.87 20.84
CA GLY B 150 14.20 22.13 20.39
C GLY B 150 15.23 22.01 21.50
N THR B 151 14.88 22.46 22.70
CA THR B 151 15.82 22.31 23.81
C THR B 151 15.96 20.85 24.17
N PHE B 152 14.84 20.12 24.21
CA PHE B 152 14.87 18.70 24.53
C PHE B 152 15.74 17.94 23.55
N LEU B 153 15.50 18.14 22.26
CA LEU B 153 16.24 17.39 21.24
C LEU B 153 17.73 17.69 21.26
N GLY B 154 18.10 18.94 21.60
CA GLY B 154 19.51 19.28 21.70
C GLY B 154 20.19 18.57 22.86
N LYS B 155 19.47 18.43 23.98
CA LYS B 155 20.01 17.67 25.10
C LYS B 155 20.05 16.17 24.81
N VAL B 156 19.09 15.67 24.01
CA VAL B 156 19.15 14.26 23.59
C VAL B 156 20.42 14.01 22.78
N GLU B 157 20.70 14.89 21.81
CA GLU B 157 21.88 14.72 20.98
C GLU B 157 23.17 14.81 21.81
N ALA B 158 23.17 15.67 22.84
CA ALA B 158 24.38 15.86 23.65
C ALA B 158 24.60 14.73 24.64
N HIS B 159 23.52 14.10 25.15
CA HIS B 159 23.65 13.05 26.15
C HIS B 159 23.60 11.65 25.58
N ALA B 160 23.16 11.47 24.33
CA ALA B 160 23.09 10.13 23.77
C ALA B 160 24.47 9.62 23.44
N THR B 161 24.77 8.40 23.90
CA THR B 161 26.05 7.78 23.62
C THR B 161 26.04 6.91 22.37
N SER B 162 24.82 6.55 21.86
CA SER B 162 24.80 5.68 20.69
C SER B 162 24.70 6.51 19.42
N PRO B 163 25.34 6.05 18.33
CA PRO B 163 25.22 6.76 17.06
C PRO B 163 23.81 6.75 16.50
N PHE B 164 22.99 5.75 16.88
CA PHE B 164 21.59 5.72 16.46
C PHE B 164 20.84 6.92 17.03
N TRP B 165 20.89 7.10 18.35
CA TRP B 165 20.21 8.25 18.94
C TRP B 165 20.97 9.56 18.72
N ARG B 166 22.27 9.49 18.42
CA ARG B 166 22.93 10.72 18.01
C ARG B 166 22.46 11.16 16.64
N THR B 167 21.85 10.25 15.86
CA THR B 167 21.28 10.60 14.56
C THR B 167 19.79 10.92 14.64
N LEU B 168 19.03 10.15 15.42
CA LEU B 168 17.58 10.33 15.48
C LEU B 168 17.21 11.71 16.05
N ALA B 169 17.92 12.16 17.09
CA ALA B 169 17.59 13.46 17.68
C ALA B 169 17.64 14.59 16.66
N PRO B 170 18.73 14.81 15.90
CA PRO B 170 18.68 15.88 14.90
C PRO B 170 17.77 15.59 13.72
N LEU B 171 17.60 14.33 13.35
CA LEU B 171 16.61 14.00 12.32
C LEU B 171 15.22 14.47 12.75
N THR B 172 14.87 14.23 14.01
CA THR B 172 13.59 14.69 14.56
C THR B 172 13.51 16.20 14.54
N ARG B 173 14.58 16.86 15.02
CA ARG B 173 14.64 18.33 15.01
C ARG B 173 14.41 18.87 13.61
N ASP B 174 15.12 18.32 12.62
CA ASP B 174 14.94 18.77 11.24
C ASP B 174 13.53 18.44 10.74
N ALA B 175 13.01 17.27 11.13
CA ALA B 175 11.69 16.86 10.63
C ALA B 175 10.60 17.75 11.18
N ILE B 176 10.69 18.11 12.46
CA ILE B 176 9.67 18.95 13.07
C ILE B 176 9.69 20.35 12.46
N ALA B 177 10.87 20.90 12.23
CA ALA B 177 10.94 22.24 11.65
C ALA B 177 10.48 22.25 10.20
N ALA B 178 10.81 21.19 9.45
CA ALA B 178 10.42 21.12 8.04
C ALA B 178 8.92 20.90 7.90
N MET B 179 8.33 20.08 8.78
CA MET B 179 6.89 19.88 8.75
C MET B 179 6.16 21.17 9.12
N TRP B 180 6.64 21.85 10.17
CA TRP B 180 6.01 23.07 10.65
C TRP B 180 6.01 24.16 9.60
N ASP B 181 7.10 24.32 8.86
CA ASP B 181 7.11 25.31 7.80
C ASP B 181 6.02 25.03 6.79
N GLU B 182 5.77 23.77 6.47
CA GLU B 182 4.79 23.45 5.44
C GLU B 182 3.37 23.66 5.97
N LEU B 183 3.13 23.31 7.24
CA LEU B 183 1.83 23.56 7.86
C LEU B 183 1.55 25.05 7.99
N GLU B 184 2.51 25.82 8.51
CA GLU B 184 2.32 27.26 8.68
C GLU B 184 2.04 27.95 7.35
N GLU B 185 2.66 27.46 6.27
CA GLU B 185 2.42 28.05 4.96
C GLU B 185 0.98 27.87 4.53
N GLU B 186 0.28 26.87 5.05
CA GLU B 186 -1.15 26.74 4.83
C GLU B 186 -1.95 27.44 5.93
N ASN B 187 -1.49 27.38 7.19
CA ASN B 187 -2.21 28.03 8.28
C ASN B 187 -2.36 29.52 8.04
N GLU B 188 -1.27 30.19 7.69
CA GLU B 188 -1.21 31.63 7.53
C GLU B 188 -1.27 32.05 6.07
N GLU B 189 -1.76 31.18 5.20
CA GLU B 189 -1.97 31.51 3.81
C GLU B 189 -2.92 32.70 3.69
N PRO C 5 10.56 18.90 -3.18
CA PRO C 5 9.25 19.54 -3.23
C PRO C 5 8.43 19.08 -4.42
N MET C 6 7.11 19.27 -4.32
CA MET C 6 6.08 18.84 -5.27
C MET C 6 5.90 17.32 -5.31
N ASN C 7 6.72 16.58 -4.57
CA ASN C 7 6.73 15.13 -4.65
C ASN C 7 5.45 14.51 -4.11
N GLU C 8 4.64 15.29 -3.38
CA GLU C 8 3.37 14.83 -2.85
C GLU C 8 2.24 14.82 -3.90
N PHE C 9 2.42 15.52 -5.03
CA PHE C 9 1.42 15.63 -6.09
C PHE C 9 1.51 14.53 -7.16
N SER C 10 2.53 13.68 -7.11
CA SER C 10 2.72 12.63 -8.12
C SER C 10 1.48 11.74 -8.26
N ILE C 11 0.92 11.29 -7.14
CA ILE C 11 -0.24 10.41 -7.22
C ILE C 11 -1.44 11.17 -7.76
N LEU C 12 -1.60 12.45 -7.37
CA LEU C 12 -2.71 13.24 -7.89
C LEU C 12 -2.62 13.41 -9.40
N CYS C 13 -1.41 13.70 -9.90
CA CYS C 13 -1.23 13.86 -11.33
C CYS C 13 -1.48 12.56 -12.08
N ARG C 14 -1.08 11.44 -11.50
CA ARG C 14 -1.32 10.15 -12.12
C ARG C 14 -2.80 9.80 -12.10
N VAL C 15 -3.49 10.10 -10.98
CA VAL C 15 -4.94 9.86 -10.92
C VAL C 15 -5.67 10.72 -11.93
N LEU C 16 -5.43 12.03 -11.93
CA LEU C 16 -6.12 12.92 -12.85
C LEU C 16 -5.67 12.70 -14.29
N GLY C 17 -4.37 12.53 -14.50
CA GLY C 17 -3.89 12.27 -15.85
C GLY C 17 -4.48 11.01 -16.46
N THR C 18 -4.68 9.97 -15.64
CA THR C 18 -5.23 8.72 -16.15
C THR C 18 -6.69 8.88 -16.53
N LEU C 19 -7.46 9.67 -15.77
CA LEU C 19 -8.88 9.80 -16.05
C LEU C 19 -9.14 10.52 -17.37
N TYR C 20 -8.25 11.42 -17.79
CA TYR C 20 -8.39 12.05 -19.09
C TYR C 20 -7.77 11.22 -20.20
N TYR C 21 -6.85 10.32 -19.86
CA TYR C 21 -6.03 9.63 -20.85
C TYR C 21 -6.70 8.40 -21.42
N ARG C 22 -7.53 7.71 -20.64
CA ARG C 22 -8.05 6.42 -21.04
C ARG C 22 -9.57 6.41 -20.98
N GLN C 23 -10.16 5.59 -21.85
CA GLN C 23 -11.59 5.32 -21.81
C GLN C 23 -12.01 4.90 -20.41
N PRO C 24 -13.03 5.52 -19.81
CA PRO C 24 -13.44 5.11 -18.45
C PRO C 24 -13.75 3.62 -18.31
N GLN C 25 -14.25 2.96 -19.35
CA GLN C 25 -14.57 1.54 -19.30
C GLN C 25 -13.38 0.65 -19.72
N ASP C 26 -12.17 1.18 -19.73
CA ASP C 26 -11.00 0.35 -19.97
C ASP C 26 -10.74 -0.51 -18.74
N PRO C 27 -10.58 -1.83 -18.88
CA PRO C 27 -10.28 -2.69 -17.71
C PRO C 27 -9.07 -2.26 -16.90
N LEU C 28 -8.13 -1.52 -17.50
CA LEU C 28 -6.99 -1.00 -16.74
C LEU C 28 -7.41 -0.02 -15.65
N LEU C 29 -8.58 0.60 -15.77
CA LEU C 29 -9.03 1.63 -14.85
C LEU C 29 -9.96 1.10 -13.77
N VAL C 30 -10.24 -0.20 -13.77
CA VAL C 30 -11.20 -0.75 -12.82
C VAL C 30 -10.79 -0.51 -11.37
N PRO C 31 -9.56 -0.77 -10.94
CA PRO C 31 -9.22 -0.48 -9.54
C PRO C 31 -9.31 1.00 -9.20
N LEU C 32 -9.12 1.88 -10.20
CA LEU C 32 -9.21 3.32 -9.96
C LEU C 32 -10.65 3.77 -9.74
N PHE C 33 -11.60 3.26 -10.52
CA PHE C 33 -12.99 3.64 -10.30
C PHE C 33 -13.54 3.01 -9.04
N THR C 34 -12.99 1.86 -8.63
CA THR C 34 -13.39 1.28 -7.36
C THR C 34 -12.94 2.16 -6.20
N LEU C 35 -11.73 2.73 -6.29
CA LEU C 35 -11.28 3.68 -5.27
C LEU C 35 -12.14 4.93 -5.25
N ILE C 36 -12.56 5.42 -6.42
CA ILE C 36 -13.37 6.63 -6.44
C ILE C 36 -14.73 6.37 -5.80
N ARG C 37 -15.42 5.33 -6.27
CA ARG C 37 -16.77 5.09 -5.77
C ARG C 37 -16.77 4.57 -4.34
N GLU C 38 -15.70 3.94 -3.87
CA GLU C 38 -15.68 3.52 -2.47
C GLU C 38 -15.20 4.61 -1.53
N GLY C 39 -14.90 5.80 -2.05
CA GLY C 39 -14.45 6.90 -1.22
C GLY C 39 -13.10 6.73 -0.55
N LYS C 40 -12.23 5.90 -1.11
CA LYS C 40 -10.92 5.66 -0.51
C LYS C 40 -9.87 6.64 -0.99
N LEU C 41 -10.25 7.57 -1.87
CA LEU C 41 -9.28 8.49 -2.48
C LEU C 41 -8.97 9.66 -1.57
N ALA C 42 -9.92 10.05 -0.72
CA ALA C 42 -9.74 11.22 0.13
C ALA C 42 -8.79 10.96 1.31
N GLN C 43 -8.57 9.70 1.70
CA GLN C 43 -7.63 9.45 2.80
C GLN C 43 -6.18 9.60 2.37
N ASN C 44 -5.88 9.44 1.08
CA ASN C 44 -4.54 9.65 0.55
C ASN C 44 -4.55 10.74 -0.52
N TRP C 45 -5.06 11.94 -0.19
CA TRP C 45 -5.12 13.04 -1.13
C TRP C 45 -4.30 14.21 -0.60
N PRO C 46 -3.45 14.82 -1.42
CA PRO C 46 -2.57 15.89 -0.91
C PRO C 46 -3.24 17.24 -0.74
N LEU C 47 -4.48 17.42 -1.19
CA LEU C 47 -5.20 18.67 -1.07
C LEU C 47 -6.44 18.46 -0.21
N GLU C 48 -7.07 19.58 0.16
CA GLU C 48 -8.33 19.55 0.90
C GLU C 48 -9.47 19.77 -0.10
N GLN C 49 -9.86 18.70 -0.77
CA GLN C 49 -10.94 18.71 -1.75
C GLN C 49 -11.99 17.65 -1.40
N ASP C 50 -12.35 17.57 -0.13
CA ASP C 50 -13.21 16.48 0.34
C ASP C 50 -14.58 16.54 -0.30
N ASP C 51 -15.18 17.73 -0.37
CA ASP C 51 -16.52 17.84 -0.91
C ASP C 51 -16.54 17.56 -2.42
N LEU C 52 -15.44 17.81 -3.12
CA LEU C 52 -15.40 17.44 -4.53
C LEU C 52 -15.20 15.95 -4.70
N LEU C 53 -14.30 15.35 -3.90
CA LEU C 53 -14.10 13.90 -3.98
C LEU C 53 -15.34 13.15 -3.54
N GLU C 54 -16.11 13.75 -2.64
CA GLU C 54 -17.38 13.17 -2.22
C GLU C 54 -18.40 13.21 -3.36
N ARG C 55 -18.41 14.30 -4.13
CA ARG C 55 -19.28 14.37 -5.29
C ARG C 55 -18.83 13.42 -6.38
N LEU C 56 -17.51 13.19 -6.50
CA LEU C 56 -17.01 12.22 -7.48
C LEU C 56 -17.45 10.81 -7.13
N GLN C 57 -17.47 10.49 -5.84
CA GLN C 57 -17.89 9.16 -5.40
C GLN C 57 -19.36 8.89 -5.72
N LYS C 58 -20.22 9.89 -5.58
CA LYS C 58 -21.66 9.66 -5.74
C LYS C 58 -22.12 9.74 -7.19
N SER C 59 -21.27 10.19 -8.10
CA SER C 59 -21.64 10.27 -9.51
C SER C 59 -20.90 9.23 -10.34
N CYS C 60 -20.35 8.21 -9.70
CA CYS C 60 -19.57 7.17 -10.36
C CYS C 60 -20.51 6.13 -10.98
N ASP C 61 -21.27 6.60 -11.98
CA ASP C 61 -22.14 5.76 -12.79
C ASP C 61 -21.44 5.51 -14.11
N MET C 62 -20.99 4.27 -14.32
CA MET C 62 -19.99 4.00 -15.35
C MET C 62 -20.50 4.26 -16.77
N GLN C 63 -21.76 3.94 -17.05
CA GLN C 63 -22.28 4.20 -18.39
C GLN C 63 -22.47 5.69 -18.63
N GLN C 64 -22.86 6.41 -17.59
CA GLN C 64 -22.98 7.87 -17.70
C GLN C 64 -21.61 8.49 -17.94
N ILE C 65 -20.59 8.03 -17.20
CA ILE C 65 -19.24 8.56 -17.35
C ILE C 65 -18.69 8.27 -18.74
N SER C 66 -18.89 7.05 -19.23
CA SER C 66 -18.32 6.66 -20.52
C SER C 66 -18.96 7.43 -21.67
N THR C 67 -20.29 7.52 -21.68
CA THR C 67 -20.96 8.29 -22.74
C THR C 67 -20.50 9.74 -22.75
N ASP C 68 -20.39 10.35 -21.57
CA ASP C 68 -19.97 11.75 -21.51
C ASP C 68 -18.52 11.89 -21.95
N TYR C 69 -17.63 11.01 -21.47
CA TYR C 69 -16.24 11.02 -21.92
C TYR C 69 -16.18 10.91 -23.43
N ASN C 70 -16.94 9.97 -24.01
CA ASN C 70 -16.86 9.79 -25.46
C ASN C 70 -17.39 11.00 -26.19
N ALA C 71 -18.48 11.60 -25.71
CA ALA C 71 -18.99 12.80 -26.36
C ALA C 71 -18.04 13.98 -26.19
N LEU C 72 -17.34 14.04 -25.06
CA LEU C 72 -16.48 15.18 -24.78
C LEU C 72 -15.16 15.11 -25.54
N PHE C 73 -14.49 13.94 -25.56
CA PHE C 73 -13.07 13.90 -25.93
C PHE C 73 -12.69 12.95 -27.07
N VAL C 74 -13.59 12.14 -27.60
CA VAL C 74 -13.23 11.07 -28.53
C VAL C 74 -13.62 11.50 -29.94
N GLY C 75 -12.72 11.27 -30.90
CA GLY C 75 -12.99 11.55 -32.29
C GLY C 75 -12.63 12.96 -32.69
N GLU C 76 -12.82 13.22 -33.99
CA GLU C 76 -12.51 14.55 -34.53
C GLU C 76 -13.63 15.55 -34.30
N GLU C 77 -14.86 15.08 -34.11
CA GLU C 77 -16.00 15.98 -33.92
C GLU C 77 -16.52 15.89 -32.49
N CYS C 78 -15.61 15.93 -31.53
CA CYS C 78 -15.95 15.90 -30.11
C CYS C 78 -16.34 17.28 -29.61
N ARG C 79 -16.88 17.32 -28.38
CA ARG C 79 -17.38 18.59 -27.86
C ARG C 79 -16.24 19.48 -27.36
N VAL C 80 -15.23 18.89 -26.70
CA VAL C 80 -14.12 19.66 -26.19
C VAL C 80 -12.79 18.95 -26.41
N SER C 81 -12.04 19.36 -27.44
CA SER C 81 -10.78 18.71 -27.78
C SER C 81 -9.80 18.75 -26.61
N PRO C 82 -9.20 17.62 -26.25
CA PRO C 82 -8.32 17.60 -25.07
C PRO C 82 -6.85 17.90 -25.41
N TYR C 83 -6.60 18.47 -26.58
CA TYR C 83 -5.24 18.75 -27.03
C TYR C 83 -4.91 20.23 -26.89
N ARG C 84 -3.71 20.49 -26.36
CA ARG C 84 -3.23 21.85 -26.17
C ARG C 84 -3.31 22.65 -27.46
N SER C 85 -2.92 22.04 -28.58
CA SER C 85 -2.89 22.72 -29.87
C SER C 85 -4.26 23.19 -30.32
N ALA C 86 -5.34 22.62 -29.79
CA ALA C 86 -6.67 23.10 -30.13
C ALA C 86 -7.04 24.39 -29.41
N TRP C 87 -6.24 24.80 -28.43
CA TRP C 87 -6.58 25.92 -27.57
C TRP C 87 -5.60 27.09 -27.64
N GLN C 88 -4.31 26.84 -27.84
CA GLN C 88 -3.31 27.89 -27.94
C GLN C 88 -2.94 28.14 -29.41
N GLU C 89 -2.99 29.41 -29.82
CA GLU C 89 -2.66 29.75 -31.19
C GLU C 89 -1.18 29.53 -31.47
N GLY C 90 -0.88 28.86 -32.58
CA GLY C 90 0.48 28.55 -32.97
C GLY C 90 1.08 27.33 -32.30
N ALA C 91 0.52 26.89 -31.18
CA ALA C 91 1.05 25.76 -30.44
C ALA C 91 1.06 24.50 -31.31
N THR C 92 2.11 23.68 -31.16
CA THR C 92 2.21 22.43 -31.88
C THR C 92 2.44 21.27 -30.91
N GLU C 93 2.02 20.08 -31.36
CA GLU C 93 2.31 18.86 -30.61
C GLU C 93 3.80 18.54 -30.65
N ALA C 94 4.46 18.92 -31.75
CA ALA C 94 5.87 18.58 -31.92
C ALA C 94 6.72 19.22 -30.82
N GLU C 95 6.45 20.47 -30.46
CA GLU C 95 7.28 21.12 -29.44
C GLU C 95 7.04 20.52 -28.06
N VAL C 96 5.83 20.02 -27.79
CA VAL C 96 5.60 19.36 -26.51
C VAL C 96 6.27 17.99 -26.51
N ARG C 97 6.17 17.26 -27.62
CA ARG C 97 6.93 16.02 -27.76
C ARG C 97 8.42 16.26 -27.56
N ALA C 98 8.96 17.28 -28.23
CA ALA C 98 10.40 17.57 -28.13
C ALA C 98 10.80 17.91 -26.70
N PHE C 99 10.00 18.71 -26.01
CA PHE C 99 10.30 19.06 -24.63
C PHE C 99 10.29 17.83 -23.72
N LEU C 100 9.29 16.97 -23.87
CA LEU C 100 9.18 15.80 -23.02
C LEU C 100 10.29 14.80 -23.32
N SER C 101 10.62 14.62 -24.61
CA SER C 101 11.73 13.73 -24.97
C SER C 101 13.06 14.25 -24.43
N GLU C 102 13.31 15.55 -24.57
CA GLU C 102 14.60 16.09 -24.12
C GLU C 102 14.77 15.97 -22.62
N ARG C 103 13.68 15.91 -21.87
CA ARG C 103 13.73 15.61 -20.44
C ARG C 103 13.92 14.12 -20.19
N GLY C 104 13.87 13.30 -21.23
CA GLY C 104 14.04 11.86 -21.10
C GLY C 104 12.77 11.06 -20.94
N MET C 105 11.60 11.64 -21.22
CA MET C 105 10.37 10.90 -20.96
C MET C 105 10.01 10.01 -22.15
N PRO C 106 9.79 8.71 -21.93
CA PRO C 106 9.31 7.85 -23.02
C PRO C 106 7.86 8.18 -23.36
N LEU C 107 7.58 8.28 -24.65
CA LEU C 107 6.25 8.57 -25.17
C LEU C 107 5.81 7.48 -26.13
N THR C 108 4.52 7.51 -26.46
CA THR C 108 3.93 6.68 -27.49
C THR C 108 3.67 7.57 -28.71
N ASP C 109 3.00 7.03 -29.72
CA ASP C 109 2.72 7.82 -30.91
C ASP C 109 1.45 8.65 -30.82
N THR C 110 0.66 8.51 -29.76
CA THR C 110 -0.48 9.40 -29.60
C THR C 110 0.03 10.79 -29.24
N PRO C 111 -0.68 11.84 -29.65
CA PRO C 111 -0.16 13.20 -29.50
C PRO C 111 0.27 13.50 -28.06
N ALA C 112 1.46 14.08 -27.94
CA ALA C 112 2.07 14.33 -26.65
C ALA C 112 1.41 15.46 -25.88
N ASP C 113 0.65 16.33 -26.54
CA ASP C 113 0.02 17.47 -25.87
C ASP C 113 -1.42 17.17 -25.42
N HIS C 114 -1.81 15.89 -25.35
CA HIS C 114 -3.08 15.52 -24.73
C HIS C 114 -3.01 15.84 -23.25
N ILE C 115 -4.13 16.35 -22.71
CA ILE C 115 -4.15 16.74 -21.29
C ILE C 115 -3.79 15.56 -20.40
N GLY C 116 -4.24 14.36 -20.77
CA GLY C 116 -3.85 13.17 -20.03
C GLY C 116 -2.36 12.97 -20.00
N THR C 117 -1.72 13.09 -21.18
CA THR C 117 -0.27 12.94 -21.27
C THR C 117 0.45 14.00 -20.46
N LEU C 118 -0.01 15.25 -20.53
CA LEU C 118 0.68 16.30 -19.80
C LEU C 118 0.67 16.04 -18.31
N LEU C 119 -0.48 15.60 -17.77
CA LEU C 119 -0.57 15.38 -16.34
C LEU C 119 0.27 14.17 -15.92
N LEU C 120 0.26 13.12 -16.72
CA LEU C 120 1.14 11.98 -16.45
C LEU C 120 2.60 12.39 -16.52
N ALA C 121 2.93 13.33 -17.41
CA ALA C 121 4.29 13.82 -17.49
C ALA C 121 4.70 14.51 -16.20
N ALA C 122 3.74 15.16 -15.51
CA ALA C 122 4.05 15.89 -14.29
C ALA C 122 4.57 14.96 -13.20
N SER C 123 3.95 13.78 -13.06
CA SER C 123 4.48 12.80 -12.10
C SER C 123 5.75 12.14 -12.62
N TRP C 124 5.87 11.97 -13.93
CA TRP C 124 7.08 11.36 -14.47
C TRP C 124 8.29 12.25 -14.17
N ILE C 125 8.13 13.55 -14.42
CA ILE C 125 9.22 14.50 -14.14
C ILE C 125 9.50 14.54 -12.65
N GLU C 126 8.47 14.43 -11.82
CA GLU C 126 8.64 14.52 -10.37
C GLU C 126 9.49 13.37 -9.82
N ASP C 127 9.39 12.18 -10.41
CA ASP C 127 10.07 11.00 -9.90
C ASP C 127 11.35 10.66 -10.66
N HIS C 128 11.55 11.20 -11.86
CA HIS C 128 12.64 10.81 -12.75
C HIS C 128 13.29 12.05 -13.36
N ALA C 129 14.13 12.73 -12.59
CA ALA C 129 14.93 13.85 -13.11
C ALA C 129 16.12 14.16 -12.21
N ASP C 132 17.47 18.38 -11.97
CA ASP C 132 16.71 18.87 -13.12
C ASP C 132 15.19 18.87 -12.87
N GLU C 133 14.76 18.29 -11.75
CA GLU C 133 13.34 18.15 -11.45
C GLU C 133 12.63 19.50 -11.43
N ASN C 134 13.21 20.50 -10.77
CA ASN C 134 12.50 21.75 -10.55
C ASN C 134 12.34 22.57 -11.84
N GLU C 135 13.35 22.57 -12.71
CA GLU C 135 13.28 23.37 -13.92
C GLU C 135 12.30 22.79 -14.94
N ALA C 136 12.22 21.46 -15.03
CA ALA C 136 11.32 20.85 -16.01
C ALA C 136 9.86 21.01 -15.63
N ILE C 137 9.52 20.87 -14.35
CA ILE C 137 8.12 20.99 -13.93
C ILE C 137 7.63 22.42 -14.06
N GLU C 138 8.49 23.40 -13.78
CA GLU C 138 8.11 24.80 -13.91
C GLU C 138 7.85 25.15 -15.36
N THR C 139 8.67 24.65 -16.27
CA THR C 139 8.46 24.88 -17.69
C THR C 139 7.22 24.17 -18.18
N LEU C 140 7.00 22.93 -17.72
CA LEU C 140 5.80 22.21 -18.08
C LEU C 140 4.54 23.01 -17.71
N PHE C 141 4.53 23.63 -16.53
CA PHE C 141 3.36 24.40 -16.12
C PHE C 141 3.28 25.74 -16.84
N GLU C 142 4.40 26.48 -16.88
CA GLU C 142 4.39 27.82 -17.46
C GLU C 142 4.12 27.81 -18.95
N MET C 143 4.72 26.88 -19.69
CA MET C 143 4.66 26.90 -21.15
C MET C 143 3.56 26.03 -21.72
N TYR C 144 3.24 24.91 -21.08
CA TYR C 144 2.40 23.91 -21.72
C TYR C 144 1.15 23.57 -20.93
N LEU C 145 0.80 24.34 -19.90
CA LEU C 145 -0.35 24.01 -19.08
C LEU C 145 -1.18 25.25 -18.73
N LEU C 146 -0.64 26.09 -17.87
CA LEU C 146 -1.36 27.29 -17.42
C LEU C 146 -1.91 28.19 -18.53
N PRO C 147 -1.23 28.44 -19.65
CA PRO C 147 -1.81 29.37 -20.64
C PRO C 147 -3.16 28.95 -21.18
N TRP C 148 -3.43 27.65 -21.29
CA TRP C 148 -4.60 27.17 -22.00
C TRP C 148 -5.51 26.25 -21.19
N VAL C 149 -4.99 25.56 -20.17
CA VAL C 149 -5.76 24.50 -19.53
C VAL C 149 -6.96 25.08 -18.77
N GLY C 150 -6.90 26.33 -18.32
CA GLY C 150 -8.04 26.90 -17.63
C GLY C 150 -9.25 27.06 -18.54
N THR C 151 -9.00 27.43 -19.81
CA THR C 151 -10.08 27.56 -20.77
C THR C 151 -10.65 26.20 -21.14
N PHE C 152 -9.77 25.22 -21.37
CA PHE C 152 -10.24 23.89 -21.71
C PHE C 152 -11.12 23.33 -20.60
N LEU C 153 -10.63 23.40 -19.36
CA LEU C 153 -11.39 22.84 -18.23
C LEU C 153 -12.72 23.56 -18.03
N GLY C 154 -12.79 24.85 -18.36
CA GLY C 154 -14.06 25.55 -18.29
C GLY C 154 -15.04 25.09 -19.35
N LYS C 155 -14.54 24.82 -20.56
CA LYS C 155 -15.42 24.31 -21.60
C LYS C 155 -15.85 22.87 -21.30
N VAL C 156 -15.00 22.09 -20.63
CA VAL C 156 -15.39 20.75 -20.20
C VAL C 156 -16.58 20.82 -19.26
N GLU C 157 -16.51 21.72 -18.29
CA GLU C 157 -17.60 21.85 -17.32
C GLU C 157 -18.89 22.27 -17.99
N ALA C 158 -18.81 23.08 -19.04
CA ALA C 158 -20.00 23.61 -19.70
C ALA C 158 -20.66 22.60 -20.65
N HIS C 159 -19.88 21.70 -21.26
CA HIS C 159 -20.41 20.75 -22.23
C HIS C 159 -20.64 19.35 -21.64
N ALA C 160 -20.14 19.08 -20.44
CA ALA C 160 -20.32 17.77 -19.83
C ALA C 160 -21.78 17.59 -19.38
N THR C 161 -22.37 16.45 -19.73
CA THR C 161 -23.74 16.17 -19.33
C THR C 161 -23.83 15.39 -18.03
N SER C 162 -22.73 14.78 -17.59
CA SER C 162 -22.77 13.95 -16.40
C SER C 162 -22.28 14.72 -15.17
N PRO C 163 -22.81 14.45 -13.98
CA PRO C 163 -22.28 15.09 -12.77
C PRO C 163 -20.84 14.74 -12.51
N PHE C 164 -20.38 13.59 -13.01
CA PHE C 164 -19.00 13.17 -12.80
C PHE C 164 -18.02 14.12 -13.50
N TRP C 165 -18.20 14.35 -14.79
CA TRP C 165 -17.28 15.23 -15.51
C TRP C 165 -17.52 16.70 -15.19
N ARG C 166 -18.71 17.04 -14.70
CA ARG C 166 -18.95 18.39 -14.20
C ARG C 166 -18.21 18.66 -12.90
N THR C 167 -17.82 17.61 -12.18
CA THR C 167 -17.05 17.71 -10.95
C THR C 167 -15.56 17.58 -11.20
N LEU C 168 -15.15 16.64 -12.06
CA LEU C 168 -13.73 16.41 -12.28
C LEU C 168 -13.06 17.64 -12.88
N ALA C 169 -13.72 18.30 -13.82
CA ALA C 169 -13.14 19.48 -14.46
C ALA C 169 -12.78 20.58 -13.46
N PRO C 170 -13.68 21.03 -12.57
CA PRO C 170 -13.24 22.04 -11.60
C PRO C 170 -12.28 21.47 -10.56
N LEU C 171 -12.40 20.19 -10.22
CA LEU C 171 -11.41 19.59 -9.34
C LEU C 171 -10.02 19.68 -9.96
N THR C 172 -9.92 19.35 -11.25
CA THR C 172 -8.65 19.44 -11.95
C THR C 172 -8.15 20.89 -11.98
N ARG C 173 -9.05 21.83 -12.29
CA ARG C 173 -8.68 23.24 -12.34
C ARG C 173 -8.07 23.71 -11.02
N ASP C 174 -8.74 23.41 -9.90
CA ASP C 174 -8.25 23.81 -8.58
C ASP C 174 -6.95 23.09 -8.22
N ALA C 175 -6.82 21.82 -8.61
CA ALA C 175 -5.62 21.06 -8.27
C ALA C 175 -4.39 21.62 -8.98
N ILE C 176 -4.56 22.01 -10.25
CA ILE C 176 -3.46 22.59 -11.03
C ILE C 176 -3.06 23.95 -10.47
N ALA C 177 -4.05 24.76 -10.07
CA ALA C 177 -3.75 26.07 -9.50
C ALA C 177 -3.07 25.92 -8.15
N ALA C 178 -3.48 24.90 -7.37
CA ALA C 178 -2.82 24.66 -6.11
C ALA C 178 -1.41 24.14 -6.33
N MET C 179 -1.20 23.34 -7.38
CA MET C 179 0.16 22.91 -7.68
C MET C 179 1.01 24.09 -8.13
N TRP C 180 0.47 24.97 -8.96
CA TRP C 180 1.23 26.15 -9.36
C TRP C 180 1.58 27.01 -8.14
N ASP C 181 0.62 27.17 -7.21
CA ASP C 181 0.88 27.93 -5.99
C ASP C 181 2.01 27.32 -5.16
N GLU C 182 2.09 26.00 -5.12
CA GLU C 182 3.14 25.33 -4.34
C GLU C 182 4.50 25.47 -5.01
N LEU C 183 4.55 25.44 -6.34
CA LEU C 183 5.80 25.69 -7.04
C LEU C 183 6.31 27.10 -6.76
N GLU C 184 5.46 28.11 -6.93
CA GLU C 184 5.90 29.49 -6.78
C GLU C 184 6.41 29.77 -5.37
N GLU C 185 5.76 29.20 -4.36
CA GLU C 185 6.16 29.46 -2.98
C GLU C 185 7.39 28.66 -2.52
N GLU C 186 7.73 27.54 -3.16
CA GLU C 186 8.95 26.79 -2.80
C GLU C 186 10.19 27.22 -3.60
N PRO D 5 -11.43 -18.02 -2.99
CA PRO D 5 -10.48 -18.80 -3.78
C PRO D 5 -10.06 -18.07 -5.04
N MET D 6 -8.77 -18.19 -5.38
CA MET D 6 -8.11 -17.51 -6.49
C MET D 6 -8.03 -16.01 -6.24
N ASN D 7 -8.47 -15.58 -5.07
CA ASN D 7 -8.44 -14.16 -4.74
C ASN D 7 -7.03 -13.60 -4.72
N GLU D 8 -6.03 -14.44 -4.46
CA GLU D 8 -4.64 -14.00 -4.37
C GLU D 8 -3.99 -13.80 -5.74
N PHE D 9 -4.56 -14.35 -6.81
CA PHE D 9 -3.99 -14.25 -8.15
C PHE D 9 -4.44 -12.98 -8.89
N SER D 10 -5.36 -12.21 -8.30
CA SER D 10 -5.89 -11.00 -8.93
C SER D 10 -4.79 -10.02 -9.31
N ILE D 11 -3.84 -9.74 -8.41
CA ILE D 11 -2.79 -8.78 -8.73
C ILE D 11 -1.88 -9.34 -9.82
N LEU D 12 -1.59 -10.63 -9.78
CA LEU D 12 -0.74 -11.25 -10.78
C LEU D 12 -1.35 -11.13 -12.17
N CYS D 13 -2.66 -11.33 -12.29
CA CYS D 13 -3.31 -11.20 -13.58
C CYS D 13 -3.26 -9.76 -14.08
N ARG D 14 -3.42 -8.78 -13.19
CA ARG D 14 -3.37 -7.39 -13.63
C ARG D 14 -1.96 -7.01 -14.04
N VAL D 15 -0.95 -7.48 -13.30
CA VAL D 15 0.43 -7.21 -13.70
C VAL D 15 0.72 -7.82 -15.07
N LEU D 16 0.43 -9.11 -15.24
CA LEU D 16 0.74 -9.78 -16.50
C LEU D 16 -0.15 -9.28 -17.63
N GLY D 17 -1.44 -9.16 -17.37
CA GLY D 17 -2.35 -8.66 -18.40
C GLY D 17 -1.97 -7.27 -18.88
N THR D 18 -1.47 -6.43 -17.97
CA THR D 18 -1.08 -5.08 -18.36
C THR D 18 0.15 -5.08 -19.25
N LEU D 19 1.12 -5.98 -18.98
CA LEU D 19 2.34 -6.00 -19.78
C LEU D 19 2.07 -6.45 -21.20
N TYR D 20 1.04 -7.27 -21.42
CA TYR D 20 0.63 -7.62 -22.78
C TYR D 20 -0.33 -6.59 -23.37
N TYR D 21 -1.03 -5.84 -22.52
CA TYR D 21 -2.13 -5.01 -22.99
C TYR D 21 -1.65 -3.67 -23.53
N ARG D 22 -0.55 -3.14 -22.99
CA ARG D 22 -0.13 -1.78 -23.28
C ARG D 22 1.31 -1.73 -23.78
N GLN D 23 1.58 -0.75 -24.64
CA GLN D 23 2.92 -0.43 -25.09
C GLN D 23 3.87 -0.23 -23.89
N PRO D 24 5.02 -0.92 -23.85
CA PRO D 24 5.90 -0.77 -22.69
C PRO D 24 6.28 0.68 -22.35
N GLN D 25 6.41 1.55 -23.35
CA GLN D 25 6.76 2.94 -23.09
C GLN D 25 5.53 3.83 -22.87
N ASP D 26 4.38 3.24 -22.60
CA ASP D 26 3.22 4.03 -22.24
C ASP D 26 3.44 4.61 -20.85
N PRO D 27 3.28 5.93 -20.67
CA PRO D 27 3.46 6.56 -19.35
C PRO D 27 2.61 5.94 -18.24
N LEU D 28 1.48 5.30 -18.59
CA LEU D 28 0.69 4.63 -17.57
C LEU D 28 1.44 3.48 -16.93
N LEU D 29 2.47 2.94 -17.60
CA LEU D 29 3.19 1.76 -17.13
C LEU D 29 4.47 2.09 -16.38
N VAL D 30 4.84 3.37 -16.27
CA VAL D 30 6.10 3.73 -15.61
C VAL D 30 6.15 3.20 -14.18
N PRO D 31 5.10 3.32 -13.36
CA PRO D 31 5.19 2.75 -12.01
C PRO D 31 5.31 1.23 -11.99
N LEU D 32 4.78 0.55 -13.00
CA LEU D 32 4.89 -0.91 -13.01
C LEU D 32 6.30 -1.36 -13.37
N PHE D 33 6.91 -0.74 -14.38
CA PHE D 33 8.28 -1.12 -14.73
C PHE D 33 9.28 -0.68 -13.65
N THR D 34 8.93 0.34 -12.87
CA THR D 34 9.75 0.71 -11.71
C THR D 34 9.72 -0.39 -10.65
N LEU D 35 8.56 -1.00 -10.42
CA LEU D 35 8.48 -2.14 -9.50
C LEU D 35 9.31 -3.31 -10.02
N ILE D 36 9.24 -3.57 -11.32
CA ILE D 36 9.99 -4.68 -11.90
C ILE D 36 11.48 -4.43 -11.78
N ARG D 37 11.93 -3.26 -12.22
CA ARG D 37 13.36 -2.99 -12.27
C ARG D 37 13.96 -2.85 -10.88
N GLU D 38 13.15 -2.47 -9.90
CA GLU D 38 13.60 -2.35 -8.51
C GLU D 38 13.42 -3.65 -7.72
N GLY D 39 12.92 -4.71 -8.35
CA GLY D 39 12.74 -5.98 -7.68
C GLY D 39 11.70 -5.98 -6.57
N LYS D 40 10.73 -5.07 -6.61
CA LYS D 40 9.73 -5.00 -5.55
C LYS D 40 8.53 -5.89 -5.83
N LEU D 41 8.56 -6.64 -6.92
CA LEU D 41 7.42 -7.44 -7.33
C LEU D 41 7.40 -8.76 -6.59
N ALA D 42 8.59 -9.28 -6.23
CA ALA D 42 8.70 -10.58 -5.60
C ALA D 42 8.26 -10.57 -4.13
N GLN D 43 8.20 -9.41 -3.48
CA GLN D 43 7.75 -9.38 -2.09
C GLN D 43 6.23 -9.52 -1.95
N ASN D 44 5.45 -9.17 -2.97
CA ASN D 44 4.00 -9.42 -2.96
C ASN D 44 3.59 -10.31 -4.13
N TRP D 45 4.19 -11.48 -4.24
CA TRP D 45 3.89 -12.39 -5.34
C TRP D 45 3.28 -13.67 -4.80
N PRO D 46 2.15 -14.13 -5.35
CA PRO D 46 1.48 -15.33 -4.79
C PRO D 46 2.11 -16.65 -5.22
N LEU D 47 3.08 -16.65 -6.12
CA LEU D 47 3.77 -17.86 -6.53
C LEU D 47 5.23 -17.77 -6.15
N GLU D 48 5.92 -18.89 -6.27
CA GLU D 48 7.37 -18.97 -6.04
C GLU D 48 8.06 -18.91 -7.39
N GLN D 49 8.25 -17.69 -7.89
CA GLN D 49 8.92 -17.45 -9.17
C GLN D 49 10.07 -16.46 -9.00
N ASP D 50 10.84 -16.62 -7.92
CA ASP D 50 11.84 -15.61 -7.58
C ASP D 50 12.90 -15.49 -8.67
N ASP D 51 13.37 -16.62 -9.20
CA ASP D 51 14.44 -16.55 -10.21
C ASP D 51 13.95 -15.94 -11.51
N LEU D 52 12.67 -16.08 -11.84
CA LEU D 52 12.15 -15.43 -13.05
C LEU D 52 11.95 -13.92 -12.84
N LEU D 53 11.42 -13.55 -11.67
CA LEU D 53 11.24 -12.13 -11.38
C LEU D 53 12.58 -11.43 -11.22
N GLU D 54 13.61 -12.14 -10.76
CA GLU D 54 14.94 -11.54 -10.73
C GLU D 54 15.50 -11.39 -12.14
N ARG D 55 15.22 -12.35 -13.03
CA ARG D 55 15.65 -12.19 -14.42
C ARG D 55 14.88 -11.06 -15.10
N LEU D 56 13.61 -10.87 -14.75
CA LEU D 56 12.84 -9.75 -15.29
C LEU D 56 13.44 -8.43 -14.82
N GLN D 57 13.94 -8.39 -13.58
CA GLN D 57 14.52 -7.18 -13.04
C GLN D 57 15.78 -6.77 -13.79
N LYS D 58 16.60 -7.74 -14.17
CA LYS D 58 17.90 -7.48 -14.79
C LYS D 58 17.84 -7.30 -16.30
N SER D 59 16.69 -7.55 -16.94
CA SER D 59 16.54 -7.38 -18.37
C SER D 59 15.60 -6.23 -18.71
N CYS D 60 15.35 -5.35 -17.74
CA CYS D 60 14.42 -4.23 -17.89
C CYS D 60 15.09 -3.04 -18.58
N ASP D 61 15.43 -3.25 -19.84
CA ASP D 61 15.94 -2.21 -20.73
C ASP D 61 14.78 -1.76 -21.62
N MET D 62 14.33 -0.52 -21.43
CA MET D 62 13.05 -0.11 -22.01
C MET D 62 13.07 -0.10 -23.53
N GLN D 63 14.18 0.27 -24.16
CA GLN D 63 14.16 0.33 -25.61
C GLN D 63 14.11 -1.06 -26.24
N GLN D 64 14.83 -2.04 -25.69
CA GLN D 64 14.70 -3.38 -26.24
C GLN D 64 13.33 -3.97 -25.93
N ILE D 65 12.80 -3.71 -24.73
CA ILE D 65 11.46 -4.18 -24.41
C ILE D 65 10.46 -3.56 -25.37
N SER D 66 10.60 -2.25 -25.64
CA SER D 66 9.69 -1.56 -26.53
C SER D 66 9.82 -2.06 -27.96
N THR D 67 11.06 -2.21 -28.45
CA THR D 67 11.27 -2.77 -29.78
C THR D 67 10.75 -4.20 -29.87
N ASP D 68 11.01 -5.01 -28.85
CA ASP D 68 10.59 -6.41 -28.89
C ASP D 68 9.07 -6.53 -28.89
N TYR D 69 8.40 -5.78 -28.02
CA TYR D 69 6.94 -5.79 -27.98
C TYR D 69 6.35 -5.47 -29.36
N ASN D 70 6.85 -4.41 -30.00
CA ASN D 70 6.28 -4.01 -31.28
C ASN D 70 6.55 -5.04 -32.36
N ALA D 71 7.73 -5.64 -32.38
CA ALA D 71 8.01 -6.68 -33.37
C ALA D 71 7.16 -7.92 -33.14
N LEU D 72 6.85 -8.20 -31.87
CA LEU D 72 6.11 -9.41 -31.50
C LEU D 72 4.61 -9.27 -31.76
N PHE D 73 4.00 -8.15 -31.35
CA PHE D 73 2.55 -8.08 -31.23
C PHE D 73 1.82 -6.97 -31.99
N VAL D 74 2.51 -6.01 -32.60
CA VAL D 74 1.86 -4.81 -33.12
C VAL D 74 1.81 -4.86 -34.64
N GLY D 75 0.64 -4.48 -35.19
CA GLY D 75 0.44 -4.41 -36.62
C GLY D 75 -0.15 -5.68 -37.20
N GLU D 76 -0.38 -5.63 -38.52
CA GLU D 76 -0.96 -6.76 -39.21
C GLU D 76 0.06 -7.84 -39.55
N GLU D 77 1.33 -7.47 -39.62
CA GLU D 77 2.40 -8.43 -39.91
C GLU D 77 3.31 -8.59 -38.70
N CYS D 78 2.74 -8.84 -37.53
CA CYS D 78 3.57 -9.07 -36.35
C CYS D 78 4.04 -10.53 -36.31
N ARG D 79 4.99 -10.79 -35.41
CA ARG D 79 5.62 -12.10 -35.34
C ARG D 79 4.72 -13.10 -34.64
N VAL D 80 4.06 -12.69 -33.55
CA VAL D 80 3.19 -13.58 -32.79
C VAL D 80 1.90 -12.86 -32.39
N SER D 81 0.80 -13.15 -33.09
CA SER D 81 -0.46 -12.47 -32.82
C SER D 81 -0.94 -12.72 -31.39
N PRO D 82 -1.34 -11.68 -30.65
CA PRO D 82 -1.73 -11.87 -29.25
C PRO D 82 -3.22 -12.16 -29.08
N TYR D 83 -3.90 -12.57 -30.16
CA TYR D 83 -5.33 -12.84 -30.16
C TYR D 83 -5.63 -14.34 -30.17
N ARG D 84 -6.61 -14.72 -29.34
CA ARG D 84 -7.05 -16.11 -29.29
C ARG D 84 -7.45 -16.62 -30.67
N SER D 85 -8.20 -15.81 -31.42
CA SER D 85 -8.71 -16.20 -32.73
C SER D 85 -7.60 -16.47 -33.74
N ALA D 86 -6.38 -16.01 -33.48
CA ALA D 86 -5.29 -16.35 -34.39
C ALA D 86 -4.75 -17.75 -34.16
N TRP D 87 -5.12 -18.39 -33.06
CA TRP D 87 -4.51 -19.65 -32.66
C TRP D 87 -5.48 -20.82 -32.60
N GLN D 88 -6.74 -20.61 -32.23
CA GLN D 88 -7.72 -21.69 -32.14
C GLN D 88 -8.62 -21.70 -33.36
N GLU D 89 -8.79 -22.88 -33.96
CA GLU D 89 -9.66 -23.03 -35.12
C GLU D 89 -11.11 -22.78 -34.72
N GLY D 90 -11.80 -21.94 -35.49
CA GLY D 90 -13.17 -21.60 -35.21
C GLY D 90 -13.39 -20.48 -34.21
N ALA D 91 -12.38 -20.15 -33.41
CA ALA D 91 -12.52 -19.11 -32.40
C ALA D 91 -12.85 -17.77 -33.03
N THR D 92 -13.75 -17.01 -32.38
CA THR D 92 -14.08 -15.67 -32.81
C THR D 92 -13.92 -14.72 -31.64
N GLU D 93 -13.67 -13.45 -31.96
CA GLU D 93 -13.65 -12.42 -30.92
C GLU D 93 -15.04 -12.18 -30.36
N ALA D 94 -16.09 -12.40 -31.17
CA ALA D 94 -17.46 -12.11 -30.72
C ALA D 94 -17.87 -12.96 -29.53
N GLU D 95 -17.52 -14.24 -29.54
CA GLU D 95 -17.96 -15.12 -28.46
C GLU D 95 -17.26 -14.80 -27.14
N VAL D 96 -16.02 -14.31 -27.22
CA VAL D 96 -15.34 -13.89 -26.00
C VAL D 96 -15.93 -12.58 -25.49
N ARG D 97 -16.21 -11.64 -26.42
CA ARG D 97 -16.94 -10.43 -26.07
C ARG D 97 -18.26 -10.77 -25.40
N ALA D 98 -19.03 -11.67 -26.02
CA ALA D 98 -20.33 -12.06 -25.46
C ALA D 98 -20.17 -12.71 -24.10
N PHE D 99 -19.17 -13.57 -23.95
CA PHE D 99 -18.93 -14.18 -22.64
C PHE D 99 -18.62 -13.14 -21.58
N LEU D 100 -17.78 -12.16 -21.91
CA LEU D 100 -17.42 -11.13 -20.95
C LEU D 100 -18.59 -10.19 -20.65
N SER D 101 -19.34 -9.80 -21.68
CA SER D 101 -20.49 -8.92 -21.49
C SER D 101 -21.56 -9.59 -20.62
N GLU D 102 -21.87 -10.86 -20.90
CA GLU D 102 -22.93 -11.53 -20.16
C GLU D 102 -22.56 -11.71 -18.69
N ARG D 103 -21.26 -11.76 -18.38
CA ARG D 103 -20.83 -11.70 -17.00
C ARG D 103 -20.79 -10.28 -16.46
N GLY D 104 -21.01 -9.29 -17.31
CA GLY D 104 -21.05 -7.90 -16.89
C GLY D 104 -19.78 -7.09 -17.03
N MET D 105 -18.79 -7.57 -17.79
CA MET D 105 -17.51 -6.86 -17.83
C MET D 105 -17.52 -5.75 -18.87
N PRO D 106 -17.16 -4.52 -18.49
CA PRO D 106 -17.01 -3.46 -19.49
C PRO D 106 -15.77 -3.71 -20.34
N LEU D 107 -15.94 -3.52 -21.65
CA LEU D 107 -14.87 -3.67 -22.62
C LEU D 107 -14.74 -2.39 -23.43
N THR D 108 -13.65 -2.30 -24.18
CA THR D 108 -13.45 -1.23 -25.13
C THR D 108 -13.73 -1.80 -26.53
N ASP D 109 -13.45 -1.03 -27.57
CA ASP D 109 -13.70 -1.52 -28.92
C ASP D 109 -12.54 -2.33 -29.49
N THR D 110 -11.41 -2.39 -28.79
CA THR D 110 -10.32 -3.24 -29.23
C THR D 110 -10.68 -4.71 -28.99
N PRO D 111 -10.17 -5.63 -29.82
CA PRO D 111 -10.63 -7.02 -29.75
C PRO D 111 -10.52 -7.61 -28.36
N ALA D 112 -11.62 -8.24 -27.92
CA ALA D 112 -11.71 -8.76 -26.56
C ALA D 112 -10.88 -10.02 -26.34
N ASP D 113 -10.48 -10.72 -27.41
CA ASP D 113 -9.74 -11.95 -27.24
C ASP D 113 -8.23 -11.74 -27.21
N HIS D 114 -7.79 -10.50 -26.99
CA HIS D 114 -6.39 -10.18 -26.76
C HIS D 114 -5.93 -10.81 -25.46
N ILE D 115 -4.70 -11.32 -25.46
CA ILE D 115 -4.14 -11.96 -24.27
C ILE D 115 -4.18 -11.01 -23.09
N GLY D 116 -3.94 -9.72 -23.32
CA GLY D 116 -4.03 -8.75 -22.25
C GLY D 116 -5.42 -8.67 -21.65
N THR D 117 -6.43 -8.54 -22.50
CA THR D 117 -7.82 -8.45 -22.01
C THR D 117 -8.22 -9.70 -21.25
N LEU D 118 -7.82 -10.88 -21.74
CA LEU D 118 -8.20 -12.12 -21.07
C LEU D 118 -7.63 -12.19 -19.66
N LEU D 119 -6.37 -11.77 -19.47
CA LEU D 119 -5.78 -11.77 -18.14
C LEU D 119 -6.38 -10.70 -17.25
N LEU D 120 -6.61 -9.50 -17.78
CA LEU D 120 -7.28 -8.47 -17.00
C LEU D 120 -8.70 -8.90 -16.63
N ALA D 121 -9.35 -9.67 -17.50
CA ALA D 121 -10.66 -10.20 -17.19
C ALA D 121 -10.61 -11.17 -16.02
N ALA D 122 -9.51 -11.92 -15.89
CA ALA D 122 -9.40 -12.89 -14.80
C ALA D 122 -9.45 -12.21 -13.44
N SER D 123 -8.76 -11.08 -13.29
CA SER D 123 -8.84 -10.37 -12.02
C SER D 123 -10.16 -9.65 -11.88
N TRP D 124 -10.75 -9.22 -12.99
CA TRP D 124 -12.07 -8.59 -12.92
C TRP D 124 -13.10 -9.58 -12.40
N ILE D 125 -13.08 -10.81 -12.91
CA ILE D 125 -14.03 -11.83 -12.46
C ILE D 125 -13.81 -12.14 -10.99
N GLU D 126 -12.56 -12.19 -10.54
CA GLU D 126 -12.29 -12.53 -9.16
C GLU D 126 -12.81 -11.48 -8.19
N ASP D 127 -12.82 -10.21 -8.58
CA ASP D 127 -13.22 -9.11 -7.70
C ASP D 127 -14.64 -8.60 -7.94
N HIS D 128 -15.25 -8.86 -9.12
CA HIS D 128 -16.55 -8.27 -9.47
C HIS D 128 -17.49 -9.29 -10.11
N ALA D 129 -18.04 -10.17 -9.27
CA ALA D 129 -19.05 -11.12 -9.71
C ALA D 129 -19.84 -11.62 -8.52
N GLU D 133 -19.10 -16.62 -9.98
CA GLU D 133 -17.69 -16.22 -9.91
C GLU D 133 -16.81 -17.45 -10.13
N ASN D 134 -17.16 -18.57 -9.48
CA ASN D 134 -16.36 -19.78 -9.65
C ASN D 134 -16.58 -20.37 -11.04
N GLU D 135 -17.82 -20.31 -11.54
CA GLU D 135 -18.11 -20.83 -12.87
C GLU D 135 -17.55 -19.93 -13.96
N ALA D 136 -17.53 -18.61 -13.74
CA ALA D 136 -17.02 -17.71 -14.75
C ALA D 136 -15.50 -17.85 -14.92
N ILE D 137 -14.77 -17.97 -13.82
CA ILE D 137 -13.32 -18.14 -13.93
C ILE D 137 -12.99 -19.52 -14.50
N GLU D 138 -13.76 -20.54 -14.12
CA GLU D 138 -13.52 -21.87 -14.67
C GLU D 138 -13.74 -21.89 -16.18
N THR D 139 -14.78 -21.20 -16.64
CA THR D 139 -15.02 -21.13 -18.08
C THR D 139 -13.96 -20.29 -18.79
N LEU D 140 -13.56 -19.16 -18.19
CA LEU D 140 -12.50 -18.34 -18.78
C LEU D 140 -11.22 -19.16 -19.00
N PHE D 141 -10.88 -20.01 -18.04
CA PHE D 141 -9.69 -20.86 -18.19
C PHE D 141 -9.96 -22.04 -19.13
N GLU D 142 -11.07 -22.76 -18.92
CA GLU D 142 -11.34 -23.97 -19.70
C GLU D 142 -11.58 -23.66 -21.17
N MET D 143 -12.33 -22.61 -21.48
CA MET D 143 -12.75 -22.37 -22.85
C MET D 143 -11.88 -21.39 -23.63
N TYR D 144 -11.34 -20.37 -22.97
CA TYR D 144 -10.74 -19.26 -23.69
C TYR D 144 -9.27 -19.04 -23.36
N LEU D 145 -8.62 -20.00 -22.70
CA LEU D 145 -7.24 -19.77 -22.29
C LEU D 145 -6.39 -21.03 -22.52
N LEU D 146 -6.63 -22.06 -21.70
CA LEU D 146 -5.87 -23.30 -21.80
C LEU D 146 -5.77 -23.91 -23.19
N PRO D 147 -6.81 -23.93 -24.03
CA PRO D 147 -6.66 -24.56 -25.34
C PRO D 147 -5.55 -23.98 -26.20
N TRP D 148 -5.25 -22.68 -26.07
CA TRP D 148 -4.34 -22.09 -27.05
C TRP D 148 -3.14 -21.37 -26.45
N VAL D 149 -3.27 -20.88 -25.21
CA VAL D 149 -2.29 -19.94 -24.66
C VAL D 149 -0.92 -20.59 -24.48
N GLY D 150 -0.87 -21.90 -24.24
CA GLY D 150 0.43 -22.56 -24.16
C GLY D 150 1.16 -22.50 -25.48
N THR D 151 0.43 -22.59 -26.59
CA THR D 151 1.03 -22.49 -27.92
C THR D 151 1.49 -21.06 -28.19
N PHE D 152 0.65 -20.08 -27.85
CA PHE D 152 1.00 -18.68 -28.08
C PHE D 152 2.26 -18.29 -27.32
N LEU D 153 2.30 -18.60 -26.02
CA LEU D 153 3.42 -18.23 -25.18
C LEU D 153 4.70 -18.93 -25.62
N GLY D 154 4.59 -20.14 -26.17
CA GLY D 154 5.78 -20.82 -26.66
C GLY D 154 6.36 -20.15 -27.88
N LYS D 155 5.49 -19.64 -28.75
CA LYS D 155 5.96 -18.89 -29.91
C LYS D 155 6.55 -17.54 -29.51
N VAL D 156 6.00 -16.91 -28.46
CA VAL D 156 6.56 -15.66 -27.97
C VAL D 156 8.00 -15.85 -27.54
N GLU D 157 8.25 -16.90 -26.76
CA GLU D 157 9.58 -17.17 -26.27
C GLU D 157 10.55 -17.46 -27.41
N ALA D 158 10.07 -18.11 -28.48
CA ALA D 158 10.94 -18.48 -29.58
C ALA D 158 11.25 -17.31 -30.50
N HIS D 159 10.32 -16.36 -30.63
CA HIS D 159 10.47 -15.21 -31.52
C HIS D 159 10.94 -13.95 -30.81
N ALA D 160 10.95 -13.93 -29.48
CA ALA D 160 11.38 -12.73 -28.77
C ALA D 160 12.89 -12.57 -28.91
N THR D 161 13.33 -11.35 -29.24
CA THR D 161 14.75 -11.05 -29.34
C THR D 161 15.32 -10.49 -28.04
N SER D 162 14.47 -10.02 -27.12
CA SER D 162 14.96 -9.41 -25.89
C SER D 162 14.95 -10.41 -24.74
N PRO D 163 15.89 -10.32 -23.80
CA PRO D 163 15.83 -11.19 -22.61
C PRO D 163 14.59 -10.97 -21.77
N PHE D 164 13.97 -9.79 -21.85
CA PHE D 164 12.77 -9.53 -21.07
C PHE D 164 11.60 -10.40 -21.51
N TRP D 165 11.27 -10.36 -22.81
CA TRP D 165 10.12 -11.12 -23.30
C TRP D 165 10.43 -12.61 -23.37
N ARG D 166 11.70 -12.98 -23.43
CA ARG D 166 12.09 -14.38 -23.29
C ARG D 166 11.91 -14.87 -21.86
N THR D 167 11.78 -13.95 -20.90
CA THR D 167 11.47 -14.31 -19.52
C THR D 167 9.98 -14.26 -19.23
N LEU D 168 9.28 -13.23 -19.71
CA LEU D 168 7.88 -13.03 -19.37
C LEU D 168 7.01 -14.17 -19.90
N ALA D 169 7.25 -14.60 -21.13
CA ALA D 169 6.45 -15.67 -21.73
C ALA D 169 6.45 -16.95 -20.89
N PRO D 170 7.59 -17.52 -20.47
CA PRO D 170 7.52 -18.71 -19.62
C PRO D 170 7.04 -18.40 -18.21
N LEU D 171 7.31 -17.22 -17.67
CA LEU D 171 6.69 -16.86 -16.40
C LEU D 171 5.17 -16.89 -16.51
N THR D 172 4.61 -16.32 -17.59
CA THR D 172 3.17 -16.33 -17.78
C THR D 172 2.65 -17.76 -17.92
N ARG D 173 3.34 -18.59 -18.72
CA ARG D 173 2.92 -19.97 -18.91
C ARG D 173 2.82 -20.72 -17.59
N ASP D 174 3.88 -20.66 -16.79
CA ASP D 174 3.88 -21.34 -15.50
C ASP D 174 2.85 -20.73 -14.55
N ALA D 175 2.62 -19.41 -14.64
CA ALA D 175 1.62 -18.77 -13.79
C ALA D 175 0.21 -19.23 -14.14
N ILE D 176 -0.09 -19.35 -15.45
CA ILE D 176 -1.41 -19.83 -15.86
C ILE D 176 -1.59 -21.30 -15.46
N ALA D 177 -0.55 -22.11 -15.60
CA ALA D 177 -0.67 -23.51 -15.19
C ALA D 177 -0.83 -23.60 -13.68
N ALA D 178 -0.18 -22.70 -12.94
CA ALA D 178 -0.32 -22.71 -11.50
C ALA D 178 -1.72 -22.27 -11.07
N MET D 179 -2.28 -21.27 -11.78
CA MET D 179 -3.65 -20.86 -11.47
C MET D 179 -4.65 -21.95 -11.82
N TRP D 180 -4.47 -22.62 -12.97
CA TRP D 180 -5.37 -23.72 -13.30
C TRP D 180 -5.29 -24.82 -12.24
N ASP D 181 -4.07 -25.13 -11.79
CA ASP D 181 -3.89 -26.13 -10.74
C ASP D 181 -4.60 -25.74 -9.46
N GLU D 182 -4.61 -24.45 -9.12
CA GLU D 182 -5.27 -24.02 -7.89
C GLU D 182 -6.78 -24.08 -8.02
N LEU D 183 -7.32 -23.72 -9.19
CA LEU D 183 -8.77 -23.82 -9.38
C LEU D 183 -9.24 -25.26 -9.20
N GLU D 184 -8.59 -26.20 -9.89
CA GLU D 184 -9.00 -27.59 -9.80
C GLU D 184 -8.85 -28.12 -8.38
N GLU D 185 -7.81 -27.69 -7.67
CA GLU D 185 -7.54 -28.18 -6.33
C GLU D 185 -8.55 -27.67 -5.30
N GLU D 186 -9.15 -26.51 -5.52
CA GLU D 186 -10.18 -26.02 -4.62
C GLU D 186 -11.60 -26.42 -5.04
N ASN D 187 -11.79 -26.80 -6.30
CA ASN D 187 -13.11 -27.21 -6.79
C ASN D 187 -13.63 -28.43 -6.06
#